data_3VU1
#
_entry.id   3VU1
#
_cell.length_a   83.467
_cell.length_b   94.844
_cell.length_c   186.345
_cell.angle_alpha   90.00
_cell.angle_beta   90.00
_cell.angle_gamma   90.00
#
_symmetry.space_group_name_H-M   'P 21 21 21'
#
loop_
_entity.id
_entity.type
_entity.pdbx_description
1 polymer 'Putative uncharacterized protein PH0242'
2 non-polymer 'CALCIUM ION'
3 non-polymer 'CHLORIDE ION'
4 water water
#
_entity_poly.entity_id   1
_entity_poly.type   'polypeptide(L)'
_entity_poly.pdbx_seq_one_letter_code
;MALKNTEIEVTGWEQALKWLRSNTSKYATATSWWDYGYWIESSLLGNRRASADGGHARDRDHILALFLARDGNISEVDFE
SWELNYFIIYLNDWAKFNAISYLGGAITRKEYNGDENGRGRVTTILLTQAAGNVYVNPYARIVIKVIQQNKTRRIAVNIG
QLECSPILSVAFPGNIKIKGSGRCSDGSPFPYVVYLTPSLGVLAYYKVATSNFVKLAFGIPTSSYSEFAEKLFSNFIPVY
QYGSVIVYEFRPFAIYKIEDFINGTWREVGKLSPGKHTLRLYISAFGRDIKNATLYVYALNGTKIIKRIKVGEIKYMNHL
EEYPIIVNVTLPTAQKYRFILAQKGPVGVLTGPVRVNGKITNPAYIMREGESGRLELKVGVDKEYTADLYLRATFIYLVR
KGGKSNEDYDASFEPHMDTFFITKLKEGIKLRPGENEIVVNAEMPKNAISSYKEKLEKEHGDKLIIRGIRVEPVFIVEKE
YTMIEVSASAPHHSSEHHHHHHHHHH
;
_entity_poly.pdbx_strand_id   A,B
#
loop_
_chem_comp.id
_chem_comp.type
_chem_comp.name
_chem_comp.formula
CA non-polymer 'CALCIUM ION' 'Ca 2'
CL non-polymer 'CHLORIDE ION' 'Cl -1'
#
# COMPACT_ATOMS: atom_id res chain seq x y z
N GLU A 7 -9.11 18.65 -12.07
CA GLU A 7 -9.50 17.31 -12.66
C GLU A 7 -8.95 16.15 -11.82
N ILE A 8 -9.83 15.23 -11.41
CA ILE A 8 -9.41 14.04 -10.65
C ILE A 8 -8.41 13.21 -11.45
N GLU A 9 -7.43 12.62 -10.76
CA GLU A 9 -6.55 11.64 -11.40
C GLU A 9 -7.13 10.23 -11.22
N VAL A 10 -7.57 9.65 -12.32
CA VAL A 10 -8.09 8.30 -12.35
C VAL A 10 -6.91 7.34 -12.47
N THR A 11 -6.70 6.50 -11.44
CA THR A 11 -5.56 5.58 -11.42
C THR A 11 -5.80 4.41 -12.32
N GLY A 12 -7.07 4.00 -12.40
CA GLY A 12 -7.48 2.84 -13.20
C GLY A 12 -8.04 1.74 -12.33
N TRP A 13 -7.73 1.78 -11.05
CA TRP A 13 -8.10 0.69 -10.13
C TRP A 13 -9.56 0.45 -9.97
N GLU A 14 -10.34 1.52 -9.91
CA GLU A 14 -11.78 1.39 -9.71
C GLU A 14 -12.39 0.69 -10.92
N GLN A 15 -11.94 1.10 -12.12
CA GLN A 15 -12.40 0.51 -13.35
C GLN A 15 -11.96 -0.95 -13.50
N ALA A 16 -10.75 -1.23 -13.07
CA ALA A 16 -10.18 -2.58 -13.21
C ALA A 16 -10.90 -3.56 -12.33
N LEU A 17 -11.16 -3.20 -11.08
CA LEU A 17 -11.88 -4.13 -10.20
C LEU A 17 -13.29 -4.36 -10.70
N LYS A 18 -13.92 -3.30 -11.21
CA LYS A 18 -15.26 -3.40 -11.76
C LYS A 18 -15.23 -4.40 -12.91
N TRP A 19 -14.24 -4.27 -13.77
CA TRP A 19 -14.03 -5.17 -14.89
C TRP A 19 -13.87 -6.58 -14.41
N LEU A 20 -12.97 -6.81 -13.44
CA LEU A 20 -12.76 -8.15 -12.91
C LEU A 20 -14.05 -8.76 -12.39
N ARG A 21 -14.79 -8.02 -11.56
CA ARG A 21 -16.10 -8.46 -11.03
C ARG A 21 -17.12 -8.84 -12.10
N SER A 22 -17.09 -8.17 -13.25
CA SER A 22 -18.10 -8.39 -14.31
C SER A 22 -17.73 -9.44 -15.34
N ASN A 23 -16.44 -9.79 -15.47
CA ASN A 23 -15.95 -10.57 -16.63
C ASN A 23 -15.21 -11.86 -16.26
N THR A 24 -14.91 -12.07 -14.99
CA THR A 24 -14.16 -13.24 -14.60
C THR A 24 -15.00 -14.07 -13.67
N SER A 25 -14.71 -15.36 -13.63
CA SER A 25 -15.31 -16.28 -12.67
C SER A 25 -15.16 -15.80 -11.23
N LYS A 26 -16.12 -16.16 -10.39
CA LYS A 26 -16.10 -15.78 -8.99
C LYS A 26 -15.03 -16.57 -8.23
N TYR A 27 -14.39 -17.52 -8.93
CA TYR A 27 -13.33 -18.35 -8.36
C TYR A 27 -11.94 -18.01 -8.91
N ALA A 28 -11.89 -16.97 -9.76
CA ALA A 28 -10.64 -16.52 -10.36
C ALA A 28 -9.75 -15.82 -9.34
N THR A 29 -8.43 -15.95 -9.54
CA THR A 29 -7.40 -15.40 -8.67
C THR A 29 -6.68 -14.22 -9.35
N ALA A 30 -6.74 -13.05 -8.74
CA ALA A 30 -5.96 -11.91 -9.20
C ALA A 30 -4.90 -11.57 -8.17
N THR A 31 -3.75 -11.06 -8.62
CA THR A 31 -2.70 -10.63 -7.71
C THR A 31 -2.09 -9.33 -8.19
N SER A 32 -1.39 -8.65 -7.28
CA SER A 32 -0.75 -7.41 -7.64
C SER A 32 0.34 -7.06 -6.65
N TRP A 33 1.19 -6.10 -7.00
CA TRP A 33 2.14 -5.64 -6.01
C TRP A 33 1.44 -4.92 -4.87
N TRP A 34 0.67 -3.88 -5.20
CA TRP A 34 -0.03 -3.07 -4.23
C TRP A 34 -1.27 -3.75 -3.73
N ASP A 35 -1.65 -3.43 -2.51
CA ASP A 35 -2.78 -4.05 -1.84
C ASP A 35 -4.15 -3.35 -2.04
N TYR A 36 -4.28 -2.59 -3.12
CA TYR A 36 -5.58 -2.03 -3.49
C TYR A 36 -6.69 -3.08 -3.42
N GLY A 37 -7.71 -2.83 -2.64
CA GLY A 37 -8.82 -3.73 -2.56
C GLY A 37 -8.82 -4.55 -1.30
N TYR A 38 -7.96 -4.21 -0.35
CA TYR A 38 -7.83 -5.02 0.88
C TYR A 38 -9.07 -5.03 1.74
N TRP A 39 -9.98 -4.10 1.49
CA TRP A 39 -11.16 -3.91 2.31
C TRP A 39 -12.33 -4.61 1.75
N ILE A 40 -12.20 -5.11 0.52
CA ILE A 40 -13.30 -5.83 -0.13
C ILE A 40 -13.59 -7.18 0.57
N GLU A 41 -14.84 -7.39 0.94
CA GLU A 41 -15.27 -8.61 1.64
C GLU A 41 -15.65 -9.76 0.69
N SER A 42 -15.15 -10.96 0.98
CA SER A 42 -15.47 -12.18 0.21
C SER A 42 -15.72 -13.33 1.19
N SER A 43 -16.44 -14.36 0.73
CA SER A 43 -16.46 -15.67 1.40
C SER A 43 -15.13 -16.39 1.16
N LEU A 44 -14.45 -16.00 0.07
CA LEU A 44 -13.19 -16.59 -0.37
C LEU A 44 -12.01 -16.34 0.57
N LEU A 45 -11.45 -17.44 1.09
CA LEU A 45 -10.21 -17.43 1.87
C LEU A 45 -9.01 -17.71 0.95
N GLY A 46 -9.23 -17.59 -0.35
CA GLY A 46 -8.19 -17.81 -1.35
C GLY A 46 -7.48 -16.51 -1.73
N ASN A 47 -6.98 -16.46 -2.96
CA ASN A 47 -6.16 -15.33 -3.40
C ASN A 47 -6.93 -14.17 -4.05
N ARG A 48 -6.92 -13.03 -3.37
CA ARG A 48 -7.17 -11.75 -4.02
C ARG A 48 -6.06 -10.77 -3.66
N ARG A 49 -4.94 -11.30 -3.14
CA ARG A 49 -3.81 -10.50 -2.59
C ARG A 49 -4.14 -9.85 -1.22
N ARG A 58 3.62 -11.82 2.78
CA ARG A 58 4.97 -11.26 2.77
C ARG A 58 6.07 -12.26 2.36
N ASP A 59 5.78 -13.55 2.39
CA ASP A 59 6.72 -14.53 1.82
C ASP A 59 6.61 -14.45 0.29
N ARG A 60 5.34 -14.39 -0.19
CA ARG A 60 5.02 -14.26 -1.61
C ARG A 60 5.50 -12.93 -2.24
N ASP A 61 5.76 -11.92 -1.42
CA ASP A 61 6.33 -10.65 -1.88
C ASP A 61 7.63 -10.85 -2.65
N HIS A 62 8.48 -11.74 -2.15
CA HIS A 62 9.77 -12.01 -2.77
C HIS A 62 9.58 -12.64 -4.11
N ILE A 63 8.52 -13.44 -4.23
CA ILE A 63 8.25 -14.11 -5.49
C ILE A 63 7.63 -13.14 -6.52
N LEU A 64 6.65 -12.36 -6.08
CA LEU A 64 6.17 -11.27 -6.93
C LEU A 64 7.35 -10.39 -7.40
N ALA A 65 8.28 -10.08 -6.50
CA ALA A 65 9.32 -9.14 -6.87
C ALA A 65 10.28 -9.85 -7.81
N LEU A 66 10.41 -11.16 -7.64
CA LEU A 66 11.35 -11.94 -8.44
C LEU A 66 10.84 -11.84 -9.88
N PHE A 67 9.55 -12.11 -10.06
CA PHE A 67 8.92 -11.89 -11.35
C PHE A 67 9.14 -10.48 -11.91
N LEU A 68 8.83 -9.44 -11.14
CA LEU A 68 8.74 -8.08 -11.69
C LEU A 68 10.08 -7.46 -12.02
N ALA A 69 11.08 -7.70 -11.18
CA ALA A 69 12.36 -7.00 -11.24
C ALA A 69 13.34 -7.74 -12.16
N ARG A 70 12.98 -8.92 -12.63
CA ARG A 70 13.96 -9.67 -13.37
C ARG A 70 13.55 -10.03 -14.77
N ASP A 71 14.42 -10.75 -15.44
CA ASP A 71 14.35 -10.96 -16.86
C ASP A 71 14.82 -12.38 -17.05
N GLY A 72 14.35 -13.01 -18.12
CA GLY A 72 14.87 -14.30 -18.53
C GLY A 72 14.55 -15.43 -17.60
N ASN A 73 15.46 -16.40 -17.50
CA ASN A 73 15.18 -17.66 -16.82
C ASN A 73 14.81 -17.50 -15.37
N ILE A 74 15.60 -16.70 -14.65
CA ILE A 74 15.41 -16.58 -13.22
C ILE A 74 14.08 -15.94 -12.86
N SER A 75 13.48 -15.20 -13.81
CA SER A 75 12.23 -14.49 -13.52
C SER A 75 11.02 -15.39 -13.69
N GLU A 76 11.27 -16.63 -14.09
CA GLU A 76 10.18 -17.58 -14.38
C GLU A 76 9.68 -18.26 -13.12
N VAL A 77 8.82 -17.56 -12.46
CA VAL A 77 8.23 -18.01 -11.24
C VAL A 77 7.02 -18.92 -11.52
N ASP A 78 6.78 -19.89 -10.64
CA ASP A 78 5.71 -20.84 -10.91
C ASP A 78 4.35 -20.36 -10.37
N PHE A 79 3.81 -19.34 -11.03
CA PHE A 79 2.48 -18.81 -10.67
C PHE A 79 1.34 -19.84 -10.74
N GLU A 80 1.52 -20.89 -11.56
CA GLU A 80 0.48 -21.90 -11.67
C GLU A 80 0.19 -22.56 -10.31
N SER A 81 1.23 -22.84 -9.53
CA SER A 81 1.04 -23.46 -8.23
C SER A 81 0.15 -22.60 -7.33
N TRP A 82 0.08 -21.30 -7.59
CA TRP A 82 -0.88 -20.44 -6.87
C TRP A 82 -2.23 -20.38 -7.47
N GLU A 83 -2.46 -21.10 -8.58
CA GLU A 83 -3.71 -21.01 -9.38
C GLU A 83 -3.99 -19.62 -9.91
N LEU A 84 -2.92 -18.87 -10.15
CA LEU A 84 -3.01 -17.49 -10.59
C LEU A 84 -3.71 -17.36 -11.94
N ASN A 85 -4.72 -16.48 -11.98
CA ASN A 85 -5.51 -16.24 -13.17
C ASN A 85 -5.18 -14.89 -13.82
N TYR A 86 -5.08 -13.84 -13.01
CA TYR A 86 -4.84 -12.51 -13.52
C TYR A 86 -3.74 -11.82 -12.74
N PHE A 87 -2.93 -11.06 -13.44
CA PHE A 87 -1.88 -10.33 -12.82
C PHE A 87 -2.07 -8.88 -13.20
N ILE A 88 -2.19 -8.03 -12.19
CA ILE A 88 -2.44 -6.62 -12.39
C ILE A 88 -1.16 -5.80 -12.32
N ILE A 89 -0.90 -5.08 -13.40
CA ILE A 89 0.30 -4.28 -13.49
C ILE A 89 -0.13 -2.83 -13.37
N TYR A 90 0.61 -2.11 -12.54
CA TYR A 90 0.25 -0.76 -12.17
C TYR A 90 1.43 0.15 -12.51
N LEU A 91 1.25 1.00 -13.53
CA LEU A 91 2.35 1.88 -13.94
C LEU A 91 2.97 2.71 -12.82
N ASN A 92 2.20 3.03 -11.79
CA ASN A 92 2.72 3.84 -10.69
C ASN A 92 3.67 3.11 -9.78
N ASP A 93 3.79 1.79 -9.94
CA ASP A 93 4.76 1.05 -9.14
C ASP A 93 6.23 1.40 -9.42
N TRP A 94 6.49 2.20 -10.45
CA TRP A 94 7.86 2.74 -10.59
C TRP A 94 8.25 3.34 -9.25
N ALA A 95 7.29 3.96 -8.56
CA ALA A 95 7.58 4.65 -7.28
C ALA A 95 7.99 3.65 -6.19
N LYS A 96 7.55 2.41 -6.31
CA LYS A 96 7.97 1.39 -5.35
C LYS A 96 9.11 0.52 -5.88
N PHE A 97 9.69 0.91 -7.01
CA PHE A 97 10.56 -0.05 -7.68
C PHE A 97 11.89 -0.41 -7.01
N ASN A 98 12.44 0.47 -6.18
CA ASN A 98 13.62 0.10 -5.39
C ASN A 98 13.29 -1.06 -4.46
N ALA A 99 12.16 -0.96 -3.76
CA ALA A 99 11.77 -2.03 -2.86
C ALA A 99 11.61 -3.33 -3.63
N ILE A 100 10.87 -3.26 -4.75
CA ILE A 100 10.62 -4.43 -5.57
C ILE A 100 11.93 -4.98 -6.09
N SER A 101 12.83 -4.11 -6.56
CA SER A 101 14.11 -4.57 -7.06
C SER A 101 14.91 -5.28 -5.97
N TYR A 102 14.94 -4.67 -4.78
CA TYR A 102 15.64 -5.27 -3.64
C TYR A 102 15.05 -6.61 -3.31
N LEU A 103 13.75 -6.63 -3.05
CA LEU A 103 13.09 -7.84 -2.63
C LEU A 103 13.14 -8.95 -3.67
N GLY A 104 13.40 -8.61 -4.95
CA GLY A 104 13.47 -9.59 -6.04
C GLY A 104 14.89 -9.99 -6.40
N GLY A 105 15.86 -9.43 -5.68
CA GLY A 105 17.25 -9.84 -5.84
C GLY A 105 17.95 -9.19 -7.03
N ALA A 106 17.34 -8.13 -7.58
CA ALA A 106 17.92 -7.36 -8.71
C ALA A 106 19.05 -6.41 -8.31
N ILE A 107 19.02 -5.93 -7.07
CA ILE A 107 19.95 -4.93 -6.59
C ILE A 107 20.42 -5.25 -5.16
N THR A 108 21.53 -4.65 -4.76
CA THR A 108 22.04 -4.84 -3.42
C THR A 108 21.32 -3.92 -2.43
N ARG A 109 21.53 -4.21 -1.15
CA ARG A 109 20.99 -3.40 -0.07
C ARG A 109 21.44 -1.95 -0.20
N LYS A 110 22.72 -1.79 -0.55
CA LYS A 110 23.32 -0.47 -0.73
C LYS A 110 22.61 0.30 -1.82
N GLU A 111 22.39 -0.35 -2.97
CA GLU A 111 21.66 0.27 -4.06
C GLU A 111 20.20 0.62 -3.69
N TYR A 112 19.59 -0.25 -2.89
CA TYR A 112 18.20 -0.10 -2.51
C TYR A 112 17.96 1.21 -1.72
N ASN A 113 18.82 1.52 -0.75
CA ASN A 113 18.55 2.66 0.12
C ASN A 113 19.76 3.25 0.80
N GLY A 114 20.95 3.00 0.25
CA GLY A 114 22.17 3.50 0.84
C GLY A 114 22.83 2.51 1.76
N ASP A 115 24.15 2.63 1.88
CA ASP A 115 24.91 1.89 2.89
C ASP A 115 24.70 2.49 4.29
N GLU A 116 25.49 2.02 5.26
CA GLU A 116 25.36 2.42 6.67
C GLU A 116 25.58 3.93 6.92
N ASN A 117 26.13 4.62 5.91
CA ASN A 117 26.29 6.08 5.92
C ASN A 117 25.30 6.79 5.01
N GLY A 118 24.21 6.11 4.70
CA GLY A 118 23.16 6.63 3.82
C GLY A 118 23.62 7.02 2.43
N ARG A 119 24.78 6.53 2.01
CA ARG A 119 25.29 6.84 0.67
C ARG A 119 25.19 5.66 -0.28
N GLY A 120 25.06 5.95 -1.57
CA GLY A 120 25.08 4.92 -2.57
C GLY A 120 23.74 4.50 -3.15
N ARG A 121 22.64 5.00 -2.58
CA ARG A 121 21.30 4.67 -3.09
C ARG A 121 21.14 5.06 -4.55
N VAL A 122 20.31 4.30 -5.23
CA VAL A 122 20.19 4.34 -6.67
C VAL A 122 18.70 4.51 -7.02
N THR A 123 18.40 5.30 -8.05
CA THR A 123 17.01 5.38 -8.50
C THR A 123 16.77 4.34 -9.55
N THR A 124 15.93 3.34 -9.26
CA THR A 124 15.79 2.24 -10.23
C THR A 124 14.99 2.58 -11.50
N ILE A 125 13.96 3.41 -11.34
CA ILE A 125 13.05 3.81 -12.43
C ILE A 125 12.53 5.23 -12.23
N LEU A 126 12.70 6.05 -13.26
CA LEU A 126 12.16 7.37 -13.29
C LEU A 126 11.43 7.52 -14.62
N LEU A 127 10.30 8.24 -14.58
CA LEU A 127 9.47 8.44 -15.76
C LEU A 127 9.49 9.89 -16.23
N THR A 128 9.54 10.06 -17.54
CA THR A 128 9.43 11.38 -18.09
C THR A 128 8.27 11.42 -19.08
N GLN A 129 7.64 12.58 -19.18
CA GLN A 129 6.45 12.77 -20.00
C GLN A 129 6.93 13.43 -21.27
N ALA A 130 6.47 12.92 -22.41
CA ALA A 130 6.77 13.50 -23.71
C ALA A 130 6.10 14.85 -23.82
N ALA A 131 6.87 15.88 -24.12
CA ALA A 131 6.34 17.22 -24.33
C ALA A 131 6.85 17.76 -25.66
N GLY A 132 6.44 17.10 -26.75
CA GLY A 132 6.91 17.33 -28.13
C GLY A 132 8.42 17.28 -28.28
N ASN A 133 8.95 16.27 -28.98
CA ASN A 133 10.41 16.16 -29.22
C ASN A 133 11.36 16.10 -28.01
N VAL A 134 10.80 16.27 -26.82
CA VAL A 134 11.57 16.38 -25.61
C VAL A 134 10.75 15.70 -24.50
N TYR A 135 11.45 15.17 -23.49
CA TYR A 135 10.81 14.46 -22.38
C TYR A 135 11.17 15.07 -21.05
N VAL A 136 10.16 15.36 -20.24
CA VAL A 136 10.36 16.12 -19.00
C VAL A 136 9.82 15.41 -17.76
N ASN A 137 10.50 15.67 -16.64
CA ASN A 137 10.00 15.47 -15.29
C ASN A 137 10.44 16.66 -14.42
N PRO A 138 9.59 17.69 -14.32
CA PRO A 138 9.80 18.86 -13.50
C PRO A 138 10.29 18.53 -12.09
N TYR A 139 9.57 17.65 -11.39
CA TYR A 139 9.85 17.37 -9.97
CA TYR A 139 9.84 17.36 -9.98
C TYR A 139 11.26 16.83 -9.76
N ALA A 140 11.75 16.02 -10.71
CA ALA A 140 13.12 15.49 -10.65
C ALA A 140 14.11 16.37 -11.41
N ARG A 141 13.62 17.45 -12.03
CA ARG A 141 14.42 18.41 -12.82
C ARG A 141 15.14 17.72 -13.96
N ILE A 142 14.39 16.91 -14.71
CA ILE A 142 14.97 16.12 -15.78
C ILE A 142 14.41 16.52 -17.13
N VAL A 143 15.29 16.61 -18.12
CA VAL A 143 14.90 16.83 -19.50
C VAL A 143 15.71 15.91 -20.38
N ILE A 144 15.02 15.00 -21.07
CA ILE A 144 15.68 14.12 -22.03
C ILE A 144 15.38 14.61 -23.44
N LYS A 145 16.43 14.72 -24.25
CA LYS A 145 16.29 15.17 -25.64
C LYS A 145 17.26 14.48 -26.56
N VAL A 146 16.92 14.45 -27.85
CA VAL A 146 17.83 13.96 -28.88
C VAL A 146 18.65 15.14 -29.42
N ILE A 147 19.97 14.99 -29.43
CA ILE A 147 20.86 15.99 -29.99
C ILE A 147 21.44 15.41 -31.29
N GLN A 148 21.58 16.26 -32.33
CA GLN A 148 22.35 15.88 -33.53
C GLN A 148 23.66 16.63 -33.56
N GLN A 149 24.76 15.89 -33.46
CA GLN A 149 26.11 16.49 -33.54
C GLN A 149 27.15 15.50 -34.08
N ASN A 150 27.95 16.00 -35.03
CA ASN A 150 28.97 15.23 -35.76
C ASN A 150 28.39 14.09 -36.60
N LYS A 151 27.56 14.45 -37.57
CA LYS A 151 26.90 13.47 -38.46
C LYS A 151 25.98 12.42 -37.76
N THR A 152 25.78 12.60 -36.45
CA THR A 152 25.27 11.53 -35.60
C THR A 152 24.21 11.96 -34.55
N ARG A 153 23.49 10.98 -34.01
CA ARG A 153 22.49 11.14 -32.94
C ARG A 153 23.03 10.71 -31.58
N ARG A 154 22.58 11.39 -30.54
CA ARG A 154 22.88 10.93 -29.18
C ARG A 154 21.73 11.31 -28.22
N ILE A 155 21.64 10.62 -27.09
CA ILE A 155 20.63 10.97 -26.12
C ILE A 155 21.29 11.78 -25.02
N ALA A 156 20.72 12.93 -24.70
CA ALA A 156 21.20 13.72 -23.59
C ALA A 156 20.16 13.76 -22.47
N VAL A 157 20.57 13.36 -21.27
CA VAL A 157 19.73 13.45 -20.09
C VAL A 157 20.33 14.55 -19.24
N ASN A 158 19.56 15.62 -19.04
CA ASN A 158 19.98 16.74 -18.20
C ASN A 158 19.28 16.65 -16.87
N ILE A 159 20.10 16.64 -15.83
CA ILE A 159 19.61 16.54 -14.46
C ILE A 159 20.22 17.71 -13.73
N GLY A 160 19.44 18.77 -13.56
CA GLY A 160 20.00 20.06 -13.13
C GLY A 160 21.02 20.55 -14.14
N GLN A 161 22.17 21.01 -13.66
CA GLN A 161 23.17 21.63 -14.54
C GLN A 161 24.02 20.61 -15.32
N LEU A 162 24.07 19.35 -14.85
CA LEU A 162 24.88 18.32 -15.50
C LEU A 162 24.13 17.58 -16.58
N GLU A 163 24.82 17.25 -17.67
CA GLU A 163 24.24 16.51 -18.77
C GLU A 163 24.80 15.09 -18.75
N CYS A 164 23.96 14.10 -19.06
CA CYS A 164 24.36 12.71 -18.90
C CYS A 164 24.10 11.83 -20.11
N SER A 165 25.01 10.89 -20.35
CA SER A 165 24.95 10.02 -21.52
C SER A 165 24.61 8.56 -21.16
N PRO A 166 23.38 8.09 -21.45
CA PRO A 166 22.98 6.76 -21.01
C PRO A 166 23.82 5.65 -21.66
N ILE A 167 24.04 4.55 -20.93
CA ILE A 167 24.72 3.37 -21.46
C ILE A 167 24.16 3.00 -22.85
N LEU A 168 22.83 2.98 -22.95
CA LEU A 168 22.16 2.60 -24.16
C LEU A 168 20.82 3.30 -24.11
N SER A 169 20.23 3.56 -25.25
CA SER A 169 18.88 4.09 -25.33
C SER A 169 18.18 3.37 -26.43
N VAL A 170 16.88 3.19 -26.30
CA VAL A 170 16.13 2.49 -27.33
C VAL A 170 14.81 3.16 -27.57
N ALA A 171 14.62 3.61 -28.81
CA ALA A 171 13.39 4.27 -29.22
C ALA A 171 12.34 3.28 -29.73
N PHE A 172 11.10 3.43 -29.28
CA PHE A 172 9.96 2.67 -29.80
C PHE A 172 8.80 3.56 -30.25
N PRO A 173 8.07 3.13 -31.30
CA PRO A 173 8.34 1.98 -32.17
C PRO A 173 9.63 2.11 -33.00
N GLY A 174 10.27 0.96 -33.25
CA GLY A 174 11.52 0.92 -34.00
C GLY A 174 12.49 -0.11 -33.47
N ASN A 175 12.71 -0.11 -32.16
CA ASN A 175 13.82 -0.85 -31.56
C ASN A 175 15.17 -0.25 -32.00
N ILE A 176 15.18 1.07 -32.07
CA ILE A 176 16.31 1.81 -32.56
C ILE A 176 17.35 2.02 -31.44
N LYS A 177 18.37 1.16 -31.45
CA LYS A 177 19.41 1.17 -30.43
C LYS A 177 20.43 2.27 -30.66
N ILE A 178 20.93 2.87 -29.60
CA ILE A 178 21.86 4.00 -29.71
C ILE A 178 22.73 4.17 -28.46
N LYS A 179 23.99 3.76 -28.57
CA LYS A 179 24.94 3.71 -27.45
C LYS A 179 25.28 5.09 -26.89
N GLY A 180 25.89 5.09 -25.71
CA GLY A 180 26.35 6.28 -25.01
C GLY A 180 27.47 5.88 -24.07
N SER A 181 27.96 6.82 -23.27
CA SER A 181 29.15 6.51 -22.50
C SER A 181 28.85 5.94 -21.12
N GLY A 182 27.64 6.16 -20.61
CA GLY A 182 27.34 5.81 -19.24
C GLY A 182 28.06 6.72 -18.26
N ARG A 183 28.20 7.98 -18.65
CA ARG A 183 28.92 8.98 -17.86
C ARG A 183 28.23 10.34 -17.95
N CYS A 184 28.41 11.16 -16.94
CA CYS A 184 27.92 12.53 -17.01
C CYS A 184 29.04 13.48 -17.46
N SER A 185 28.66 14.68 -17.90
CA SER A 185 29.65 15.74 -18.21
C SER A 185 30.53 16.01 -16.98
N ASP A 186 29.95 15.79 -15.80
CA ASP A 186 30.61 15.65 -14.49
C ASP A 186 31.87 14.76 -14.46
N GLY A 187 32.00 13.85 -15.41
CA GLY A 187 33.01 12.78 -15.34
C GLY A 187 32.44 11.54 -14.66
N SER A 188 31.52 11.74 -13.72
CA SER A 188 30.97 10.64 -12.90
C SER A 188 30.03 9.66 -13.63
N PRO A 189 30.03 8.38 -13.20
CA PRO A 189 29.24 7.30 -13.83
C PRO A 189 27.73 7.57 -13.93
N PHE A 190 27.13 7.08 -15.02
CA PHE A 190 25.68 7.19 -15.26
C PHE A 190 25.19 5.86 -15.80
N PRO A 191 25.00 4.87 -14.87
CA PRO A 191 24.71 3.50 -15.30
C PRO A 191 23.20 3.29 -15.56
N TYR A 192 22.67 4.11 -16.45
CA TYR A 192 21.26 4.09 -16.77
C TYR A 192 21.02 3.81 -18.23
N VAL A 193 19.88 3.22 -18.50
CA VAL A 193 19.42 2.91 -19.84
C VAL A 193 18.20 3.82 -20.08
N VAL A 194 18.00 4.29 -21.32
CA VAL A 194 16.80 5.09 -21.61
C VAL A 194 15.94 4.41 -22.61
N TYR A 195 14.63 4.43 -22.38
CA TYR A 195 13.67 3.95 -23.38
C TYR A 195 12.75 5.08 -23.77
N LEU A 196 12.75 5.41 -25.07
CA LEU A 196 11.90 6.48 -25.59
C LEU A 196 10.69 5.90 -26.30
N THR A 197 9.51 6.24 -25.81
CA THR A 197 8.27 5.81 -26.48
C THR A 197 7.52 7.08 -26.92
N PRO A 198 6.44 6.93 -27.71
CA PRO A 198 5.80 8.15 -28.18
C PRO A 198 5.39 9.07 -27.04
N SER A 199 5.11 8.53 -25.86
CA SER A 199 4.57 9.35 -24.76
C SER A 199 5.29 9.29 -23.40
N LEU A 200 6.13 8.27 -23.21
CA LEU A 200 6.97 8.14 -22.00
C LEU A 200 8.43 8.00 -22.35
N GLY A 201 9.27 8.61 -21.53
CA GLY A 201 10.69 8.32 -21.49
C GLY A 201 11.04 7.64 -20.18
N VAL A 202 11.42 6.36 -20.26
CA VAL A 202 11.77 5.58 -19.09
C VAL A 202 13.27 5.65 -18.87
N LEU A 203 13.65 6.03 -17.67
CA LEU A 203 15.04 6.02 -17.24
C LEU A 203 15.23 4.89 -16.20
N ALA A 204 15.91 3.82 -16.60
CA ALA A 204 16.05 2.65 -15.73
C ALA A 204 17.50 2.36 -15.38
N TYR A 205 17.73 2.04 -14.12
CA TYR A 205 19.03 1.63 -13.65
C TYR A 205 19.37 0.32 -14.34
N TYR A 206 20.65 0.12 -14.66
CA TYR A 206 21.02 -0.94 -15.60
C TYR A 206 20.59 -2.33 -15.14
N LYS A 207 20.73 -2.59 -13.85
CA LYS A 207 20.35 -3.89 -13.28
C LYS A 207 18.87 -4.27 -13.45
N VAL A 208 18.02 -3.30 -13.77
CA VAL A 208 16.61 -3.56 -13.92
C VAL A 208 16.08 -3.00 -15.23
N ALA A 209 16.99 -2.64 -16.14
CA ALA A 209 16.61 -2.18 -17.49
C ALA A 209 15.71 -3.15 -18.27
N THR A 210 15.94 -4.45 -18.17
CA THR A 210 15.13 -5.40 -18.93
C THR A 210 14.15 -6.21 -18.06
N SER A 211 13.84 -5.68 -16.88
CA SER A 211 12.93 -6.33 -15.93
C SER A 211 11.57 -6.54 -16.58
N ASN A 212 10.87 -7.58 -16.16
CA ASN A 212 9.52 -7.84 -16.61
C ASN A 212 8.52 -6.69 -16.35
N PHE A 213 8.68 -5.95 -15.26
CA PHE A 213 7.80 -4.82 -15.01
C PHE A 213 7.88 -3.76 -16.12
N VAL A 214 9.12 -3.41 -16.49
CA VAL A 214 9.37 -2.47 -17.56
C VAL A 214 8.69 -2.95 -18.85
N LYS A 215 8.78 -4.24 -19.16
CA LYS A 215 8.15 -4.80 -20.35
C LYS A 215 6.64 -4.67 -20.30
N LEU A 216 6.03 -5.10 -19.20
CA LEU A 216 4.58 -5.19 -19.10
C LEU A 216 3.89 -3.87 -18.74
N ALA A 217 4.59 -3.00 -18.01
CA ALA A 217 4.05 -1.67 -17.67
C ALA A 217 4.04 -0.72 -18.88
N PHE A 218 5.08 -0.81 -19.73
CA PHE A 218 5.29 0.20 -20.72
C PHE A 218 5.36 -0.36 -22.13
N GLY A 219 4.89 -1.59 -22.34
CA GLY A 219 5.13 -2.31 -23.61
C GLY A 219 6.50 -2.06 -24.22
N ILE A 220 7.58 -2.36 -23.48
CA ILE A 220 8.93 -2.36 -24.03
C ILE A 220 9.32 -3.81 -24.35
N PRO A 221 9.46 -4.15 -25.63
CA PRO A 221 9.76 -5.56 -25.87
C PRO A 221 11.26 -5.88 -25.80
N THR A 222 11.95 -5.48 -24.75
CA THR A 222 13.35 -5.85 -24.68
C THR A 222 13.62 -6.84 -23.57
N SER A 223 14.64 -7.65 -23.82
CA SER A 223 15.14 -8.64 -22.92
C SER A 223 16.63 -8.79 -23.24
N SER A 224 17.45 -9.02 -22.22
CA SER A 224 18.81 -9.45 -22.45
C SER A 224 18.85 -10.84 -23.12
N TYR A 225 17.71 -11.53 -23.15
CA TYR A 225 17.68 -12.93 -23.55
C TYR A 225 16.88 -13.07 -24.82
N SER A 226 17.29 -14.00 -25.66
CA SER A 226 16.76 -14.11 -27.00
C SER A 226 15.38 -14.77 -26.99
N GLU A 227 14.40 -14.13 -27.64
CA GLU A 227 13.02 -14.65 -27.69
C GLU A 227 12.19 -14.36 -26.42
N PHE A 228 12.84 -13.96 -25.32
CA PHE A 228 12.15 -13.87 -24.03
C PHE A 228 10.97 -12.88 -23.95
N ALA A 229 11.12 -11.68 -24.51
CA ALA A 229 10.02 -10.74 -24.54
C ALA A 229 8.84 -11.32 -25.31
N GLU A 230 9.12 -11.94 -26.46
CA GLU A 230 8.06 -12.48 -27.31
C GLU A 230 7.30 -13.60 -26.59
N LYS A 231 8.01 -14.44 -25.84
CA LYS A 231 7.39 -15.54 -25.09
C LYS A 231 6.57 -14.99 -23.96
N LEU A 232 7.19 -14.12 -23.16
CA LEU A 232 6.47 -13.42 -22.10
C LEU A 232 5.11 -12.90 -22.53
N PHE A 233 5.04 -12.24 -23.68
CA PHE A 233 3.78 -11.65 -24.10
C PHE A 233 2.74 -12.69 -24.49
N SER A 234 3.12 -13.93 -24.70
CA SER A 234 2.09 -14.95 -24.87
C SER A 234 1.62 -15.55 -23.52
N ASN A 235 2.45 -15.41 -22.47
CA ASN A 235 2.05 -15.86 -21.13
C ASN A 235 1.16 -14.86 -20.35
N PHE A 236 1.30 -13.58 -20.73
CA PHE A 236 0.57 -12.44 -20.13
C PHE A 236 -0.14 -11.66 -21.21
N ILE A 237 -1.45 -11.86 -21.30
CA ILE A 237 -2.31 -11.25 -22.32
C ILE A 237 -3.07 -10.03 -21.78
N PRO A 238 -2.86 -8.84 -22.39
CA PRO A 238 -3.64 -7.70 -21.84
C PRO A 238 -5.08 -7.95 -22.12
N VAL A 239 -5.92 -8.06 -21.10
CA VAL A 239 -7.34 -8.23 -21.32
C VAL A 239 -8.16 -6.97 -21.01
N TYR A 240 -7.57 -6.02 -20.29
CA TYR A 240 -8.25 -4.77 -19.92
C TYR A 240 -7.19 -3.78 -19.48
N GLN A 241 -7.39 -2.52 -19.86
CA GLN A 241 -6.58 -1.39 -19.39
C GLN A 241 -7.39 -0.13 -19.19
N TYR A 242 -6.92 0.68 -18.24
CA TYR A 242 -7.56 1.90 -17.85
C TYR A 242 -6.59 2.69 -17.00
N GLY A 243 -6.45 3.97 -17.34
CA GLY A 243 -5.57 4.80 -16.56
C GLY A 243 -4.18 4.20 -16.55
N SER A 244 -3.69 3.91 -15.35
CA SER A 244 -2.36 3.33 -15.15
C SER A 244 -2.44 1.85 -14.74
N VAL A 245 -3.53 1.17 -15.08
CA VAL A 245 -3.67 -0.22 -14.71
C VAL A 245 -3.87 -1.08 -15.96
N ILE A 246 -3.05 -2.12 -16.11
CA ILE A 246 -3.24 -3.14 -17.11
C ILE A 246 -3.51 -4.47 -16.41
N VAL A 247 -4.62 -5.12 -16.75
CA VAL A 247 -4.92 -6.48 -16.28
C VAL A 247 -4.45 -7.51 -17.29
N TYR A 248 -3.50 -8.35 -16.90
CA TYR A 248 -3.00 -9.43 -17.76
C TYR A 248 -3.57 -10.76 -17.34
N GLU A 249 -4.09 -11.54 -18.29
CA GLU A 249 -4.47 -12.93 -18.01
C GLU A 249 -3.19 -13.76 -18.08
N PHE A 250 -3.05 -14.68 -17.12
CA PHE A 250 -1.89 -15.54 -17.08
C PHE A 250 -2.23 -16.84 -17.77
N ARG A 251 -1.38 -17.20 -18.73
CA ARG A 251 -1.46 -18.50 -19.38
C ARG A 251 -0.12 -19.13 -19.24
N PRO A 252 -0.02 -20.08 -18.31
CA PRO A 252 1.29 -20.72 -18.04
C PRO A 252 1.84 -21.45 -19.28
N PHE A 253 0.97 -22.04 -20.09
CA PHE A 253 1.40 -22.68 -21.36
C PHE A 253 0.78 -22.00 -22.58
N ALA A 254 1.62 -21.34 -23.35
CA ALA A 254 1.12 -20.52 -24.43
C ALA A 254 1.92 -20.70 -25.72
N ILE A 255 1.28 -20.31 -26.82
CA ILE A 255 1.90 -20.33 -28.13
C ILE A 255 2.16 -18.88 -28.51
N TYR A 256 3.42 -18.57 -28.79
CA TYR A 256 3.76 -17.22 -29.16
C TYR A 256 3.88 -16.93 -30.66
N LYS A 257 3.78 -17.96 -31.48
CA LYS A 257 4.02 -17.84 -32.93
C LYS A 257 3.52 -19.14 -33.53
N ILE A 258 2.71 -19.04 -34.58
CA ILE A 258 2.27 -20.19 -35.35
C ILE A 258 2.77 -20.03 -36.79
N GLU A 259 3.29 -21.12 -37.39
CA GLU A 259 3.60 -21.12 -38.83
C GLU A 259 2.75 -22.13 -39.60
N ASP A 260 2.21 -21.71 -40.73
CA ASP A 260 1.43 -22.61 -41.60
C ASP A 260 2.38 -23.07 -42.72
N PHE A 261 2.39 -24.36 -43.02
CA PHE A 261 3.19 -24.81 -44.15
C PHE A 261 2.42 -24.64 -45.47
N ILE A 262 2.75 -23.62 -46.24
CA ILE A 262 1.90 -23.18 -47.38
C ILE A 262 2.67 -23.30 -48.69
N ASN A 263 2.16 -24.15 -49.60
CA ASN A 263 2.74 -24.28 -50.92
C ASN A 263 4.26 -24.41 -50.81
N GLY A 264 4.70 -25.18 -49.82
CA GLY A 264 6.09 -25.57 -49.71
C GLY A 264 7.01 -24.75 -48.82
N THR A 265 6.60 -23.55 -48.40
CA THR A 265 7.33 -22.86 -47.34
C THR A 265 6.50 -22.45 -46.10
N TRP A 266 7.15 -22.49 -44.93
CA TRP A 266 6.60 -21.97 -43.64
C TRP A 266 6.34 -20.51 -43.64
N ARG A 267 5.12 -20.15 -43.27
CA ARG A 267 4.71 -18.76 -43.23
C ARG A 267 4.07 -18.47 -41.87
N GLU A 268 4.46 -17.36 -41.28
CA GLU A 268 3.84 -16.92 -40.07
C GLU A 268 2.41 -16.53 -40.40
N VAL A 269 1.46 -16.93 -39.58
CA VAL A 269 0.04 -16.68 -39.86
C VAL A 269 -0.63 -15.90 -38.75
N GLY A 270 -1.65 -15.13 -39.15
CA GLY A 270 -2.58 -14.48 -38.23
C GLY A 270 -3.75 -15.43 -38.23
N LYS A 271 -4.82 -15.11 -38.98
CA LYS A 271 -5.99 -15.98 -39.14
C LYS A 271 -5.66 -17.34 -39.79
N LEU A 272 -6.53 -18.32 -39.57
CA LEU A 272 -6.45 -19.64 -40.18
C LEU A 272 -7.77 -20.01 -40.89
N SER A 273 -7.66 -20.56 -42.09
CA SER A 273 -8.84 -21.02 -42.86
C SER A 273 -9.27 -22.38 -42.35
N PRO A 274 -10.56 -22.71 -42.45
CA PRO A 274 -10.93 -24.13 -42.25
C PRO A 274 -10.24 -24.99 -43.32
N GLY A 275 -10.12 -26.30 -43.11
CA GLY A 275 -9.40 -27.18 -44.02
C GLY A 275 -8.14 -27.72 -43.35
N LYS A 276 -7.35 -28.51 -44.10
CA LYS A 276 -6.10 -29.11 -43.59
C LYS A 276 -4.98 -28.11 -43.42
N HIS A 277 -4.22 -28.26 -42.35
CA HIS A 277 -3.04 -27.46 -42.16
C HIS A 277 -1.94 -28.27 -41.56
N THR A 278 -0.72 -27.88 -41.86
CA THR A 278 0.40 -28.37 -41.10
C THR A 278 0.98 -27.15 -40.41
N LEU A 279 1.03 -27.21 -39.09
CA LEU A 279 1.37 -26.05 -38.28
C LEU A 279 2.58 -26.33 -37.44
N ARG A 280 3.41 -25.30 -37.27
CA ARG A 280 4.49 -25.33 -36.33
C ARG A 280 4.11 -24.39 -35.20
N LEU A 281 3.91 -24.96 -34.00
CA LEU A 281 3.57 -24.19 -32.79
C LEU A 281 4.79 -23.88 -31.90
N TYR A 282 5.06 -22.61 -31.70
CA TYR A 282 6.18 -22.18 -30.86
C TYR A 282 5.65 -21.95 -29.46
N ILE A 283 6.11 -22.77 -28.53
CA ILE A 283 5.52 -22.85 -27.21
C ILE A 283 6.35 -22.12 -26.17
N SER A 284 5.68 -21.31 -25.36
CA SER A 284 6.31 -20.73 -24.19
C SER A 284 5.71 -21.33 -22.92
N ALA A 285 6.52 -22.04 -22.14
CA ALA A 285 6.07 -22.59 -20.85
C ALA A 285 6.67 -21.79 -19.71
N PHE A 286 5.80 -21.19 -18.90
CA PHE A 286 6.23 -20.22 -17.91
C PHE A 286 6.28 -20.72 -16.44
N GLY A 287 7.47 -21.02 -15.95
CA GLY A 287 7.58 -21.40 -14.55
C GLY A 287 7.40 -22.87 -14.22
N ARG A 288 6.64 -23.61 -15.02
CA ARG A 288 6.55 -25.06 -14.83
C ARG A 288 6.64 -25.87 -16.13
N ASP A 289 7.17 -27.08 -16.03
CA ASP A 289 7.27 -27.97 -17.20
C ASP A 289 5.94 -28.42 -17.77
N ILE A 290 5.94 -28.74 -19.06
CA ILE A 290 4.86 -29.56 -19.66
C ILE A 290 5.20 -31.03 -19.36
N LYS A 291 4.24 -31.80 -18.82
CA LYS A 291 4.40 -33.25 -18.51
C LYS A 291 3.15 -33.99 -18.90
N ASN A 292 3.30 -35.03 -19.72
CA ASN A 292 2.19 -35.95 -20.01
C ASN A 292 1.00 -35.18 -20.43
N ALA A 293 1.20 -34.37 -21.47
CA ALA A 293 0.23 -33.38 -21.89
C ALA A 293 -0.42 -33.77 -23.22
N THR A 294 -1.70 -33.43 -23.37
CA THR A 294 -2.41 -33.59 -24.65
C THR A 294 -2.71 -32.21 -25.27
N LEU A 295 -2.48 -32.07 -26.57
CA LEU A 295 -2.85 -30.86 -27.31
C LEU A 295 -4.22 -30.97 -27.99
N TYR A 296 -5.04 -29.92 -27.87
CA TYR A 296 -6.30 -29.88 -28.60
C TYR A 296 -6.48 -28.60 -29.36
N VAL A 297 -7.43 -28.64 -30.29
CA VAL A 297 -8.01 -27.43 -30.86
C VAL A 297 -9.51 -27.50 -30.59
N TYR A 298 -10.05 -26.45 -29.99
CA TYR A 298 -11.49 -26.32 -29.81
C TYR A 298 -12.00 -25.31 -30.83
N ALA A 299 -12.88 -25.76 -31.72
CA ALA A 299 -13.57 -24.82 -32.63
C ALA A 299 -14.69 -24.14 -31.87
N LEU A 300 -14.81 -22.84 -32.06
CA LEU A 300 -15.79 -22.07 -31.33
C LEU A 300 -16.59 -21.14 -32.19
N ASN A 301 -17.90 -21.16 -31.98
CA ASN A 301 -18.80 -20.11 -32.45
C ASN A 301 -19.21 -19.22 -31.27
N GLY A 302 -18.60 -18.06 -31.17
CA GLY A 302 -18.79 -17.16 -30.05
C GLY A 302 -18.22 -17.74 -28.77
N THR A 303 -19.09 -18.32 -27.95
CA THR A 303 -18.66 -18.94 -26.69
C THR A 303 -19.05 -20.40 -26.67
N LYS A 304 -19.71 -20.88 -27.72
CA LYS A 304 -20.07 -22.28 -27.85
C LYS A 304 -18.95 -23.10 -28.52
N ILE A 305 -18.56 -24.21 -27.89
CA ILE A 305 -17.54 -25.13 -28.43
C ILE A 305 -18.20 -26.20 -29.29
N ILE A 306 -17.89 -26.20 -30.57
CA ILE A 306 -18.54 -27.09 -31.54
C ILE A 306 -17.74 -28.34 -31.94
N LYS A 307 -16.45 -28.38 -31.64
CA LYS A 307 -15.70 -29.62 -31.85
C LYS A 307 -14.42 -29.62 -31.02
N ARG A 308 -14.06 -30.76 -30.46
CA ARG A 308 -12.78 -30.92 -29.78
C ARG A 308 -11.94 -31.90 -30.57
N ILE A 309 -10.75 -31.48 -30.96
CA ILE A 309 -9.88 -32.29 -31.79
C ILE A 309 -8.52 -32.43 -31.13
N LYS A 310 -8.14 -33.68 -30.87
CA LYS A 310 -6.82 -34.00 -30.36
C LYS A 310 -5.79 -33.91 -31.50
N VAL A 311 -4.77 -33.09 -31.33
CA VAL A 311 -3.80 -32.85 -32.39
C VAL A 311 -2.40 -33.27 -32.01
N GLY A 312 -2.20 -33.77 -30.79
CA GLY A 312 -0.84 -34.04 -30.32
C GLY A 312 -0.69 -34.35 -28.86
N GLU A 313 0.51 -34.80 -28.51
CA GLU A 313 0.87 -35.09 -27.12
C GLU A 313 2.25 -34.53 -26.84
N ILE A 314 2.51 -34.14 -25.60
CA ILE A 314 3.88 -33.78 -25.22
C ILE A 314 4.17 -34.50 -23.93
N LYS A 315 5.07 -35.49 -23.99
CA LYS A 315 5.45 -36.29 -22.82
C LYS A 315 6.17 -35.39 -21.82
N TYR A 316 7.06 -34.56 -22.35
CA TYR A 316 7.87 -33.71 -21.55
C TYR A 316 8.50 -32.58 -22.33
N MET A 317 8.32 -31.37 -21.83
CA MET A 317 9.10 -30.21 -22.27
C MET A 317 9.64 -29.41 -21.07
N ASN A 318 10.95 -29.18 -21.04
CA ASN A 318 11.54 -28.28 -20.04
C ASN A 318 11.16 -26.82 -20.24
N HIS A 319 10.69 -26.15 -19.18
CA HIS A 319 10.16 -24.80 -19.32
C HIS A 319 11.22 -23.78 -19.52
N LEU A 320 12.47 -24.17 -19.36
CA LEU A 320 13.62 -23.29 -19.66
C LEU A 320 14.26 -23.57 -21.02
N GLU A 321 13.80 -24.62 -21.70
CA GLU A 321 14.39 -25.05 -22.97
C GLU A 321 13.32 -25.65 -23.88
N GLU A 322 12.34 -24.82 -24.21
CA GLU A 322 11.19 -25.29 -24.94
C GLU A 322 11.56 -25.35 -26.42
N TYR A 323 10.88 -26.22 -27.16
CA TYR A 323 11.17 -26.46 -28.58
C TYR A 323 9.83 -26.46 -29.38
N PRO A 324 9.86 -26.04 -30.65
CA PRO A 324 8.65 -26.05 -31.52
C PRO A 324 8.05 -27.41 -31.74
N ILE A 325 6.76 -27.45 -32.04
CA ILE A 325 6.01 -28.68 -32.23
C ILE A 325 5.20 -28.62 -33.51
N ILE A 326 5.20 -29.71 -34.28
CA ILE A 326 4.55 -29.73 -35.58
C ILE A 326 3.30 -30.56 -35.46
N VAL A 327 2.17 -30.03 -35.92
CA VAL A 327 0.93 -30.80 -35.87
C VAL A 327 0.24 -30.74 -37.22
N ASN A 328 -0.67 -31.71 -37.45
CA ASN A 328 -1.56 -31.74 -38.61
C ASN A 328 -3.00 -31.73 -38.18
N VAL A 329 -3.79 -30.80 -38.69
CA VAL A 329 -5.14 -30.65 -38.21
C VAL A 329 -6.12 -30.30 -39.33
N THR A 330 -7.31 -30.87 -39.26
CA THR A 330 -8.38 -30.42 -40.11
C THR A 330 -9.31 -29.55 -39.28
N LEU A 331 -9.27 -28.24 -39.51
CA LEU A 331 -10.12 -27.31 -38.80
C LEU A 331 -11.50 -27.14 -39.46
N PRO A 332 -12.59 -27.44 -38.73
CA PRO A 332 -13.91 -27.21 -39.29
C PRO A 332 -14.17 -25.72 -39.36
N THR A 333 -15.19 -25.34 -40.09
CA THR A 333 -15.59 -23.93 -40.18
C THR A 333 -16.12 -23.52 -38.81
N ALA A 334 -15.80 -22.30 -38.37
CA ALA A 334 -16.13 -21.80 -37.03
C ALA A 334 -15.61 -20.38 -36.94
N GLN A 335 -16.03 -19.65 -35.91
CA GLN A 335 -15.57 -18.27 -35.78
C GLN A 335 -14.10 -18.17 -35.36
N LYS A 336 -13.67 -19.02 -34.43
CA LYS A 336 -12.30 -18.98 -33.97
C LYS A 336 -11.79 -20.33 -33.46
N TYR A 337 -10.47 -20.48 -33.38
CA TYR A 337 -9.86 -21.72 -32.85
C TYR A 337 -9.08 -21.48 -31.56
N ARG A 338 -9.32 -22.33 -30.58
CA ARG A 338 -8.60 -22.24 -29.32
C ARG A 338 -7.71 -23.46 -29.14
N PHE A 339 -6.42 -23.20 -29.05
CA PHE A 339 -5.44 -24.23 -28.73
C PHE A 339 -5.38 -24.50 -27.22
N ILE A 340 -5.58 -25.76 -26.86
CA ILE A 340 -5.56 -26.20 -25.46
C ILE A 340 -4.41 -27.16 -25.13
N LEU A 341 -3.71 -26.89 -24.03
CA LEU A 341 -2.82 -27.89 -23.48
C LEU A 341 -3.54 -28.47 -22.27
N ALA A 342 -3.73 -29.79 -22.23
CA ALA A 342 -4.27 -30.42 -21.02
C ALA A 342 -3.19 -31.27 -20.34
N GLN A 343 -3.04 -31.05 -19.04
CA GLN A 343 -2.13 -31.79 -18.18
C GLN A 343 -2.59 -31.64 -16.69
N LYS A 344 -1.85 -32.27 -15.80
CA LYS A 344 -2.16 -32.23 -14.38
C LYS A 344 -1.89 -30.85 -13.78
N GLY A 345 -2.82 -30.35 -12.98
CA GLY A 345 -2.56 -29.12 -12.26
C GLY A 345 -3.64 -28.75 -11.28
N PRO A 346 -3.43 -27.66 -10.54
CA PRO A 346 -4.31 -27.33 -9.42
C PRO A 346 -5.53 -26.53 -9.82
N VAL A 347 -6.66 -26.86 -9.18
CA VAL A 347 -7.90 -26.09 -9.31
C VAL A 347 -8.51 -26.01 -7.91
N GLY A 348 -9.51 -25.15 -7.78
CA GLY A 348 -10.26 -25.05 -6.54
C GLY A 348 -9.79 -23.92 -5.65
N VAL A 349 -10.72 -23.06 -5.27
CA VAL A 349 -10.47 -21.98 -4.30
C VAL A 349 -11.24 -22.33 -3.01
N LEU A 350 -10.59 -22.16 -1.86
CA LEU A 350 -11.30 -22.35 -0.56
C LEU A 350 -12.42 -21.35 -0.38
N THR A 351 -13.63 -21.84 -0.10
CA THR A 351 -14.78 -20.92 0.01
C THR A 351 -15.28 -20.70 1.44
N GLY A 352 -14.79 -21.51 2.37
CA GLY A 352 -15.04 -21.29 3.78
C GLY A 352 -13.80 -21.67 4.57
N PRO A 353 -13.86 -21.52 5.90
CA PRO A 353 -12.69 -21.81 6.74
C PRO A 353 -12.34 -23.29 6.74
N VAL A 354 -11.09 -23.60 7.04
CA VAL A 354 -10.61 -24.96 7.04
C VAL A 354 -10.54 -25.49 8.49
N ARG A 355 -11.09 -26.69 8.71
CA ARG A 355 -11.02 -27.32 10.04
C ARG A 355 -10.19 -28.61 10.10
N VAL A 356 -9.34 -28.70 11.10
CA VAL A 356 -8.71 -29.97 11.45
C VAL A 356 -9.26 -30.35 12.81
N ASN A 357 -9.84 -31.57 12.89
CA ASN A 357 -10.45 -32.10 14.13
C ASN A 357 -11.37 -31.06 14.72
N GLY A 358 -12.44 -30.72 14.01
CA GLY A 358 -13.38 -29.70 14.45
C GLY A 358 -12.88 -28.27 14.49
N LYS A 359 -11.57 -28.08 14.69
CA LYS A 359 -11.00 -26.72 14.90
C LYS A 359 -10.58 -25.96 13.59
N ILE A 360 -10.93 -24.68 13.52
CA ILE A 360 -10.45 -23.78 12.48
C ILE A 360 -8.92 -23.62 12.48
N THR A 361 -8.28 -23.98 11.36
CA THR A 361 -6.84 -23.78 11.19
C THR A 361 -6.46 -22.78 10.07
N ASN A 362 -5.17 -22.42 10.04
CA ASN A 362 -4.60 -21.54 9.00
C ASN A 362 -4.59 -22.23 7.62
N PRO A 363 -5.21 -21.61 6.57
CA PRO A 363 -5.30 -22.31 5.28
C PRO A 363 -3.98 -22.35 4.54
N ALA A 364 -2.99 -21.62 5.03
CA ALA A 364 -1.64 -21.68 4.47
C ALA A 364 -0.77 -22.69 5.21
N TYR A 365 -1.19 -23.07 6.42
CA TYR A 365 -0.49 -24.08 7.19
C TYR A 365 -1.51 -25.01 7.85
N ILE A 366 -2.08 -25.86 7.01
CA ILE A 366 -3.12 -26.80 7.35
C ILE A 366 -2.80 -27.72 8.54
N MET A 367 -1.58 -28.27 8.60
CA MET A 367 -1.19 -29.19 9.67
C MET A 367 0.32 -29.17 9.90
N ARG A 368 0.73 -29.37 11.16
CA ARG A 368 2.18 -29.48 11.46
C ARG A 368 2.60 -30.93 11.25
N GLU A 369 3.90 -31.15 11.02
CA GLU A 369 4.39 -32.50 10.73
C GLU A 369 4.10 -33.39 11.96
N GLY A 370 3.67 -34.63 11.72
CA GLY A 370 3.25 -35.51 12.81
C GLY A 370 1.75 -35.54 13.13
N GLU A 371 1.05 -34.41 12.99
CA GLU A 371 -0.38 -34.29 13.35
C GLU A 371 -1.30 -35.23 12.57
N SER A 372 -2.52 -35.43 13.08
CA SER A 372 -3.48 -36.34 12.44
C SER A 372 -4.87 -35.81 12.61
N GLY A 373 -5.82 -36.24 11.75
CA GLY A 373 -7.25 -35.93 11.97
C GLY A 373 -8.24 -35.70 10.83
N ARG A 374 -9.49 -35.44 11.21
CA ARG A 374 -10.50 -35.10 10.24
C ARG A 374 -10.30 -33.68 9.75
N LEU A 375 -10.21 -33.55 8.43
CA LEU A 375 -9.95 -32.30 7.74
C LEU A 375 -11.17 -31.97 6.94
N GLU A 376 -11.70 -30.76 7.12
CA GLU A 376 -12.93 -30.32 6.44
C GLU A 376 -12.70 -29.06 5.60
N LEU A 377 -12.88 -29.22 4.28
CA LEU A 377 -12.67 -28.14 3.32
C LEU A 377 -13.94 -27.91 2.56
N LYS A 378 -14.17 -26.66 2.21
CA LYS A 378 -15.16 -26.29 1.23
C LYS A 378 -14.39 -25.59 0.10
N VAL A 379 -14.52 -26.13 -1.11
CA VAL A 379 -13.79 -25.60 -2.26
C VAL A 379 -14.71 -25.34 -3.45
N GLY A 380 -14.44 -24.26 -4.18
CA GLY A 380 -15.23 -23.88 -5.37
C GLY A 380 -14.44 -24.10 -6.66
N VAL A 381 -15.11 -24.67 -7.67
CA VAL A 381 -14.54 -24.86 -8.99
C VAL A 381 -15.53 -24.44 -10.03
N ASP A 382 -15.02 -24.06 -11.21
CA ASP A 382 -15.85 -23.58 -12.32
C ASP A 382 -16.52 -24.69 -13.10
N LYS A 383 -15.92 -25.87 -13.16
CA LYS A 383 -16.50 -27.02 -13.86
C LYS A 383 -16.30 -28.34 -13.10
N GLU A 384 -16.93 -29.41 -13.57
CA GLU A 384 -16.75 -30.68 -12.88
C GLU A 384 -15.38 -31.31 -13.18
N TYR A 385 -14.80 -31.97 -12.20
CA TYR A 385 -13.52 -32.61 -12.39
C TYR A 385 -13.52 -33.86 -11.58
N THR A 386 -12.53 -34.69 -11.83
CA THR A 386 -12.15 -35.74 -10.92
C THR A 386 -10.77 -35.40 -10.40
N ALA A 387 -10.69 -35.13 -9.11
CA ALA A 387 -9.47 -34.65 -8.50
C ALA A 387 -8.83 -35.66 -7.56
N ASP A 388 -7.53 -35.52 -7.39
CA ASP A 388 -6.81 -36.09 -6.28
C ASP A 388 -6.53 -34.94 -5.31
N LEU A 389 -6.52 -35.23 -4.00
CA LEU A 389 -6.23 -34.21 -2.99
C LEU A 389 -4.89 -34.47 -2.35
N TYR A 390 -3.98 -33.50 -2.39
CA TYR A 390 -2.68 -33.69 -1.76
C TYR A 390 -2.45 -32.68 -0.64
N LEU A 391 -1.44 -32.96 0.17
CA LEU A 391 -0.88 -31.93 1.02
C LEU A 391 0.40 -31.51 0.33
N ARG A 392 0.53 -30.20 0.12
CA ARG A 392 1.63 -29.63 -0.64
C ARG A 392 2.43 -28.69 0.22
N ALA A 393 3.75 -28.81 0.15
CA ALA A 393 4.61 -27.85 0.83
C ALA A 393 5.14 -26.79 -0.14
N THR A 394 5.28 -25.56 0.38
CA THR A 394 5.92 -24.49 -0.38
C THR A 394 6.90 -23.81 0.57
N PHE A 395 8.18 -23.82 0.17
CA PHE A 395 9.22 -23.06 0.86
C PHE A 395 9.62 -21.85 0.02
N ILE A 396 9.40 -20.66 0.57
CA ILE A 396 9.94 -19.47 -0.06
C ILE A 396 11.11 -19.05 0.80
N TYR A 397 12.27 -18.93 0.17
CA TYR A 397 13.46 -18.53 0.90
C TYR A 397 14.43 -17.67 0.09
N LEU A 398 15.41 -17.09 0.78
CA LEU A 398 16.42 -16.25 0.16
C LEU A 398 17.81 -16.89 0.22
N VAL A 399 18.62 -16.64 -0.80
CA VAL A 399 20.01 -17.07 -0.75
C VAL A 399 20.92 -15.89 -1.05
N ARG A 400 21.72 -15.50 -0.07
CA ARG A 400 22.55 -14.33 -0.20
C ARG A 400 23.50 -14.54 -1.35
N LYS A 401 23.65 -13.49 -2.14
CA LYS A 401 24.59 -13.47 -3.26
C LYS A 401 25.44 -12.23 -3.03
N GLY A 402 26.75 -12.46 -2.92
CA GLY A 402 27.69 -11.39 -2.61
C GLY A 402 27.73 -11.10 -1.12
N GLY A 403 28.53 -10.11 -0.73
CA GLY A 403 28.73 -9.77 0.69
C GLY A 403 29.41 -10.87 1.49
N LYS A 404 29.93 -10.51 2.65
CA LYS A 404 30.50 -11.54 3.50
C LYS A 404 29.63 -11.83 4.72
N SER A 405 28.40 -11.34 4.71
CA SER A 405 27.43 -11.55 5.78
C SER A 405 26.07 -11.02 5.37
N ASN A 406 25.02 -11.65 5.89
CA ASN A 406 23.68 -11.13 5.70
C ASN A 406 23.47 -9.67 6.08
N GLU A 407 24.48 -9.06 6.70
CA GLU A 407 24.34 -7.69 7.20
C GLU A 407 25.18 -6.71 6.38
N ASP A 408 26.07 -7.26 5.56
CA ASP A 408 26.89 -6.51 4.62
C ASP A 408 25.96 -5.83 3.54
N TYR A 409 26.14 -4.52 3.33
CA TYR A 409 25.34 -3.75 2.36
C TYR A 409 25.58 -4.08 0.90
N ASP A 410 26.68 -4.78 0.62
CA ASP A 410 26.95 -5.15 -0.76
C ASP A 410 26.21 -6.43 -1.10
N ALA A 411 25.45 -6.94 -0.14
CA ALA A 411 24.71 -8.18 -0.33
C ALA A 411 23.48 -7.94 -1.19
N SER A 412 23.18 -8.86 -2.08
CA SER A 412 21.85 -8.97 -2.61
C SER A 412 21.30 -10.32 -2.14
N PHE A 413 19.98 -10.50 -2.18
CA PHE A 413 19.37 -11.76 -1.77
C PHE A 413 18.50 -12.34 -2.89
N GLU A 414 18.80 -13.56 -3.32
CA GLU A 414 18.06 -14.12 -4.45
C GLU A 414 16.91 -14.98 -3.96
N PRO A 415 15.66 -14.65 -4.34
CA PRO A 415 14.53 -15.48 -3.86
C PRO A 415 14.36 -16.79 -4.58
N HIS A 416 13.87 -17.81 -3.86
CA HIS A 416 13.58 -19.13 -4.39
C HIS A 416 12.21 -19.58 -3.91
N MET A 417 11.52 -20.37 -4.73
CA MET A 417 10.30 -21.00 -4.30
C MET A 417 10.28 -22.48 -4.71
N ASP A 418 10.37 -23.38 -3.72
CA ASP A 418 10.27 -24.82 -3.96
C ASP A 418 8.94 -25.37 -3.43
N THR A 419 8.27 -26.16 -4.26
CA THR A 419 7.06 -26.83 -3.87
C THR A 419 7.29 -28.34 -4.01
N PHE A 420 6.61 -29.12 -3.19
CA PHE A 420 6.62 -30.57 -3.31
C PHE A 420 5.40 -31.11 -2.64
N PHE A 421 4.92 -32.25 -3.15
CA PHE A 421 3.78 -32.93 -2.58
C PHE A 421 4.20 -33.81 -1.41
N ILE A 422 3.66 -33.53 -0.23
CA ILE A 422 4.01 -34.24 1.00
C ILE A 422 3.34 -35.61 1.00
N THR A 423 2.01 -35.64 0.79
CA THR A 423 1.25 -36.86 0.85
C THR A 423 -0.05 -36.72 0.08
N LYS A 424 -0.53 -37.83 -0.46
CA LYS A 424 -1.78 -37.89 -1.19
C LYS A 424 -2.85 -38.24 -0.17
N LEU A 425 -3.97 -37.55 -0.18
CA LEU A 425 -4.98 -37.78 0.85
C LEU A 425 -6.17 -38.58 0.36
N LYS A 426 -6.45 -38.49 -0.93
CA LYS A 426 -7.63 -39.16 -1.51
C LYS A 426 -7.54 -39.15 -3.03
N GLU A 427 -7.84 -40.28 -3.66
CA GLU A 427 -7.93 -40.37 -5.10
C GLU A 427 -9.39 -40.20 -5.50
N GLY A 428 -9.62 -39.74 -6.72
CA GLY A 428 -10.94 -39.77 -7.34
C GLY A 428 -12.08 -39.06 -6.66
N ILE A 429 -11.81 -37.89 -6.09
CA ILE A 429 -12.89 -37.01 -5.64
C ILE A 429 -13.63 -36.45 -6.84
N LYS A 430 -14.95 -36.58 -6.85
CA LYS A 430 -15.77 -35.98 -7.90
C LYS A 430 -16.17 -34.58 -7.50
N LEU A 431 -15.52 -33.56 -8.07
CA LEU A 431 -15.93 -32.17 -7.82
C LEU A 431 -17.06 -31.68 -8.74
N ARG A 432 -17.90 -30.80 -8.19
CA ARG A 432 -19.09 -30.27 -8.89
C ARG A 432 -18.95 -28.76 -9.03
N PRO A 433 -19.33 -28.22 -10.19
CA PRO A 433 -19.32 -26.77 -10.34
C PRO A 433 -20.00 -26.11 -9.14
N GLY A 434 -19.35 -25.12 -8.53
CA GLY A 434 -19.86 -24.46 -7.33
C GLY A 434 -19.13 -24.97 -6.08
N GLU A 435 -19.76 -24.83 -4.93
CA GLU A 435 -19.13 -25.27 -3.68
C GLU A 435 -19.14 -26.78 -3.54
N ASN A 436 -18.08 -27.32 -2.92
CA ASN A 436 -17.91 -28.74 -2.70
C ASN A 436 -17.43 -28.96 -1.28
N GLU A 437 -18.16 -29.76 -0.50
CA GLU A 437 -17.70 -30.08 0.86
C GLU A 437 -16.88 -31.33 0.85
N ILE A 438 -15.73 -31.28 1.51
CA ILE A 438 -14.79 -32.39 1.49
C ILE A 438 -14.35 -32.76 2.91
N VAL A 439 -14.42 -34.08 3.20
CA VAL A 439 -14.04 -34.61 4.50
C VAL A 439 -13.12 -35.82 4.33
N VAL A 440 -11.96 -35.80 4.99
CA VAL A 440 -10.94 -36.83 4.83
C VAL A 440 -10.07 -36.94 6.07
N ASN A 441 -9.46 -38.12 6.28
CA ASN A 441 -8.46 -38.33 7.33
C ASN A 441 -7.08 -37.93 6.82
N ALA A 442 -6.36 -37.18 7.64
CA ALA A 442 -5.09 -36.62 7.19
C ALA A 442 -3.90 -36.93 8.10
N GLU A 443 -2.82 -37.43 7.51
CA GLU A 443 -1.61 -37.79 8.25
C GLU A 443 -0.41 -36.97 7.75
N MET A 444 0.12 -36.08 8.59
CA MET A 444 1.39 -35.44 8.27
C MET A 444 2.54 -36.34 8.72
N PRO A 445 3.40 -36.75 7.78
CA PRO A 445 4.60 -37.45 8.21
C PRO A 445 5.42 -36.51 9.07
N LYS A 446 5.94 -36.98 10.20
CA LYS A 446 6.89 -36.17 10.96
C LYS A 446 8.16 -36.00 10.09
N ASN A 447 8.84 -34.87 10.22
CA ASN A 447 10.03 -34.62 9.38
C ASN A 447 9.80 -34.18 7.91
N ALA A 448 8.55 -34.14 7.44
CA ALA A 448 8.28 -33.67 6.07
C ALA A 448 8.90 -32.27 5.82
N ILE A 449 8.61 -31.34 6.73
CA ILE A 449 9.10 -29.97 6.68
C ILE A 449 10.56 -29.91 7.14
N SER A 450 10.83 -30.37 8.36
CA SER A 450 12.18 -30.28 8.95
C SER A 450 13.24 -30.91 8.09
N SER A 451 12.89 -32.04 7.48
CA SER A 451 13.76 -32.73 6.56
C SER A 451 14.29 -31.79 5.48
N TYR A 452 13.35 -31.12 4.78
CA TYR A 452 13.68 -30.18 3.70
C TYR A 452 14.42 -28.94 4.22
N LYS A 453 13.98 -28.43 5.37
CA LYS A 453 14.61 -27.30 6.06
C LYS A 453 16.09 -27.56 6.34
N GLU A 454 16.39 -28.76 6.85
CA GLU A 454 17.77 -29.21 7.06
C GLU A 454 18.53 -29.28 5.72
N LYS A 455 17.89 -29.82 4.69
CA LYS A 455 18.53 -29.93 3.38
C LYS A 455 19.01 -28.54 2.91
N LEU A 456 18.12 -27.54 2.95
CA LEU A 456 18.46 -26.16 2.59
C LEU A 456 19.55 -25.57 3.48
N GLU A 457 19.45 -25.84 4.77
CA GLU A 457 20.41 -25.37 5.75
C GLU A 457 21.81 -25.93 5.45
N LYS A 458 21.86 -27.24 5.21
CA LYS A 458 23.10 -27.92 4.87
C LYS A 458 23.67 -27.35 3.57
N GLU A 459 22.82 -27.15 2.54
CA GLU A 459 23.24 -26.64 1.23
C GLU A 459 23.71 -25.17 1.23
N HIS A 460 23.03 -24.30 1.98
CA HIS A 460 23.29 -22.88 1.89
C HIS A 460 23.94 -22.24 3.10
N GLY A 461 23.84 -22.87 4.27
CA GLY A 461 24.49 -22.36 5.46
C GLY A 461 23.93 -21.03 5.94
N ASP A 462 24.81 -20.10 6.29
CA ASP A 462 24.38 -18.80 6.80
C ASP A 462 23.80 -17.91 5.70
N LYS A 463 24.15 -18.21 4.45
CA LYS A 463 23.56 -17.56 3.28
C LYS A 463 22.04 -17.71 3.14
N LEU A 464 21.40 -18.56 3.97
CA LEU A 464 19.98 -18.86 3.84
C LEU A 464 19.07 -18.09 4.80
N ILE A 465 17.99 -17.51 4.29
CA ILE A 465 16.94 -16.89 5.11
C ILE A 465 15.61 -17.44 4.63
N ILE A 466 14.95 -18.25 5.45
CA ILE A 466 13.63 -18.77 5.10
C ILE A 466 12.62 -17.66 5.33
N ARG A 467 11.73 -17.42 4.38
CA ARG A 467 10.79 -16.30 4.54
C ARG A 467 9.34 -16.78 4.67
N GLY A 468 9.06 -18.03 4.31
CA GLY A 468 7.72 -18.56 4.48
C GLY A 468 7.74 -20.04 4.19
N ILE A 469 6.89 -20.79 4.89
CA ILE A 469 6.69 -22.22 4.65
C ILE A 469 5.20 -22.43 4.72
N ARG A 470 4.63 -23.14 3.76
CA ARG A 470 3.20 -23.38 3.75
C ARG A 470 2.91 -24.84 3.61
N VAL A 471 1.79 -25.26 4.20
CA VAL A 471 1.32 -26.62 4.05
C VAL A 471 -0.13 -26.47 3.68
N GLU A 472 -0.47 -26.93 2.48
CA GLU A 472 -1.71 -26.52 1.86
C GLU A 472 -2.37 -27.70 1.23
N PRO A 473 -3.70 -27.71 1.23
CA PRO A 473 -4.41 -28.71 0.49
C PRO A 473 -4.52 -28.27 -0.97
N VAL A 474 -4.31 -29.20 -1.89
CA VAL A 474 -4.24 -28.90 -3.32
C VAL A 474 -4.98 -30.01 -4.06
N PHE A 475 -5.89 -29.58 -4.95
CA PHE A 475 -6.67 -30.51 -5.77
C PHE A 475 -6.04 -30.62 -7.14
N ILE A 476 -5.56 -31.80 -7.50
CA ILE A 476 -4.94 -32.03 -8.81
C ILE A 476 -5.89 -32.71 -9.79
N VAL A 477 -6.05 -32.15 -10.98
CA VAL A 477 -6.94 -32.66 -12.02
C VAL A 477 -6.24 -32.56 -13.36
N GLU A 478 -6.79 -33.23 -14.39
CA GLU A 478 -6.42 -32.91 -15.79
C GLU A 478 -7.05 -31.57 -16.04
N LYS A 479 -6.20 -30.58 -16.26
CA LYS A 479 -6.66 -29.21 -16.37
C LYS A 479 -6.44 -28.77 -17.82
N GLU A 480 -7.35 -27.94 -18.32
CA GLU A 480 -7.21 -27.32 -19.64
C GLU A 480 -6.56 -25.95 -19.55
N TYR A 481 -5.58 -25.69 -20.38
CA TYR A 481 -4.91 -24.41 -20.46
C TYR A 481 -5.13 -23.80 -21.83
N THR A 482 -5.40 -22.51 -21.86
CA THR A 482 -5.54 -21.80 -23.13
C THR A 482 -4.18 -21.35 -23.60
N MET A 483 -3.77 -21.83 -24.78
CA MET A 483 -2.45 -21.46 -25.28
C MET A 483 -2.50 -20.23 -26.17
N ILE A 484 -3.55 -20.14 -26.98
CA ILE A 484 -3.74 -19.05 -27.95
C ILE A 484 -5.13 -19.24 -28.56
N GLU A 485 -5.74 -18.12 -28.96
CA GLU A 485 -6.96 -18.10 -29.77
C GLU A 485 -6.67 -17.49 -31.14
N VAL A 486 -7.03 -18.22 -32.19
CA VAL A 486 -6.80 -17.79 -33.56
C VAL A 486 -8.16 -17.68 -34.24
N SER A 487 -8.44 -16.49 -34.80
CA SER A 487 -9.65 -16.28 -35.59
C SER A 487 -9.59 -17.10 -36.85
N ALA A 488 -10.74 -17.65 -37.25
CA ALA A 488 -10.85 -18.25 -38.58
C ALA A 488 -10.90 -17.17 -39.68
N SER A 489 -10.47 -17.52 -40.87
CA SER A 489 -10.59 -16.61 -42.00
C SER A 489 -11.94 -16.85 -42.68
N ALA A 490 -12.44 -15.85 -43.43
CA ALA A 490 -13.58 -16.05 -44.36
C ALA A 490 -13.29 -17.23 -45.31
N PRO A 491 -14.29 -18.10 -45.60
CA PRO A 491 -13.98 -19.28 -46.43
C PRO A 491 -14.06 -19.09 -47.97
N HIS A 492 -14.49 -17.90 -48.42
CA HIS A 492 -14.43 -17.50 -49.84
C HIS A 492 -14.72 -16.00 -50.05
N HIS A 493 -14.66 -15.46 -51.28
CA HIS A 493 -13.93 -15.95 -52.48
C HIS A 493 -14.16 -14.97 -53.62
N HIS A 498 -20.53 -10.21 -54.15
CA HIS A 498 -20.88 -8.80 -54.41
C HIS A 498 -21.94 -8.21 -53.51
N HIS A 499 -22.77 -9.09 -52.94
CA HIS A 499 -23.85 -8.74 -51.98
C HIS A 499 -24.90 -7.78 -52.52
N HIS A 500 -25.28 -7.98 -53.80
CA HIS A 500 -26.50 -7.35 -54.37
C HIS A 500 -27.69 -8.28 -54.18
N HIS A 501 -27.39 -9.46 -53.65
CA HIS A 501 -28.33 -10.51 -53.30
C HIS A 501 -29.34 -10.13 -52.23
N HIS A 502 -29.17 -8.93 -51.64
CA HIS A 502 -29.95 -8.48 -50.46
C HIS A 502 -30.70 -7.19 -50.64
N HIS A 503 -30.91 -6.76 -51.89
CA HIS A 503 -31.80 -5.62 -52.16
C HIS A 503 -33.24 -6.02 -51.99
N HIS A 504 -33.96 -5.26 -51.17
CA HIS A 504 -35.40 -5.46 -50.92
C HIS A 504 -35.68 -6.75 -50.18
N HIS A 505 -34.75 -7.09 -49.28
CA HIS A 505 -34.83 -8.28 -48.47
C HIS A 505 -35.17 -7.89 -47.05
N HIS A 506 -35.77 -8.81 -46.30
CA HIS A 506 -36.16 -8.63 -44.89
C HIS A 506 -37.29 -7.66 -44.68
N THR B 6 -23.49 -3.79 -12.86
CA THR B 6 -22.35 -3.31 -12.02
C THR B 6 -22.03 -1.83 -12.29
N GLU B 7 -21.23 -1.24 -11.41
CA GLU B 7 -20.73 0.14 -11.52
C GLU B 7 -19.54 0.24 -10.57
N ILE B 8 -18.67 1.23 -10.79
CA ILE B 8 -17.45 1.35 -10.01
C ILE B 8 -17.72 1.68 -8.54
N GLU B 9 -16.84 1.15 -7.68
CA GLU B 9 -16.82 1.48 -6.29
C GLU B 9 -15.83 2.66 -6.08
N VAL B 10 -16.38 3.83 -5.80
CA VAL B 10 -15.62 5.08 -5.63
C VAL B 10 -15.15 5.21 -4.19
N THR B 11 -13.84 5.15 -3.99
CA THR B 11 -13.32 5.08 -2.65
C THR B 11 -13.44 6.48 -2.02
N GLY B 12 -13.13 7.50 -2.83
CA GLY B 12 -13.14 8.90 -2.41
C GLY B 12 -11.74 9.49 -2.54
N TRP B 13 -10.75 8.61 -2.67
CA TRP B 13 -9.38 9.05 -2.80
C TRP B 13 -9.15 9.89 -4.01
N GLU B 14 -9.76 9.55 -5.13
CA GLU B 14 -9.50 10.35 -6.33
C GLU B 14 -10.00 11.76 -6.16
N GLN B 15 -11.22 11.91 -5.65
CA GLN B 15 -11.71 13.27 -5.36
C GLN B 15 -11.04 14.02 -4.18
N ALA B 16 -10.68 13.31 -3.11
CA ALA B 16 -9.97 13.93 -2.00
C ALA B 16 -8.63 14.47 -2.44
N LEU B 17 -7.98 13.74 -3.31
CA LEU B 17 -6.67 14.10 -3.75
C LEU B 17 -6.70 15.30 -4.70
N LYS B 18 -7.71 15.33 -5.56
CA LYS B 18 -7.99 16.48 -6.42
C LYS B 18 -8.21 17.70 -5.54
N TRP B 19 -9.11 17.57 -4.56
CA TRP B 19 -9.39 18.63 -3.63
C TRP B 19 -8.13 19.13 -2.98
N LEU B 20 -7.30 18.24 -2.43
CA LEU B 20 -6.06 18.70 -1.82
C LEU B 20 -5.16 19.44 -2.82
N ARG B 21 -5.09 18.96 -4.06
CA ARG B 21 -4.21 19.58 -5.05
C ARG B 21 -4.64 21.01 -5.33
N SER B 22 -5.94 21.26 -5.35
CA SER B 22 -6.44 22.57 -5.76
C SER B 22 -6.78 23.56 -4.62
N ASN B 23 -6.70 23.13 -3.37
CA ASN B 23 -7.01 24.00 -2.23
C ASN B 23 -5.89 24.06 -1.20
N THR B 24 -4.70 23.65 -1.61
CA THR B 24 -3.59 23.50 -0.69
C THR B 24 -2.37 24.25 -1.23
N SER B 25 -1.53 24.78 -0.34
CA SER B 25 -0.32 25.49 -0.80
C SER B 25 0.74 24.50 -1.33
N LYS B 26 1.78 25.03 -1.98
CA LYS B 26 2.70 24.18 -2.74
C LYS B 26 3.43 23.19 -1.84
N TYR B 27 3.72 23.62 -0.60
CA TYR B 27 4.51 22.79 0.33
C TYR B 27 3.75 22.14 1.51
N ALA B 28 2.41 22.17 1.46
CA ALA B 28 1.53 21.46 2.39
C ALA B 28 1.82 19.97 2.44
N THR B 29 1.89 19.39 3.65
CA THR B 29 2.02 17.93 3.79
C THR B 29 0.79 17.23 4.41
N ALA B 30 0.42 16.09 3.84
CA ALA B 30 -0.66 15.25 4.32
C ALA B 30 -0.13 13.90 4.69
N THR B 31 -0.85 13.17 5.52
CA THR B 31 -0.53 11.79 5.77
C THR B 31 -1.80 10.97 5.96
N SER B 32 -1.65 9.64 5.87
CA SER B 32 -2.73 8.71 6.08
C SER B 32 -2.19 7.35 6.44
N TRP B 33 -3.04 6.49 6.96
CA TRP B 33 -2.61 5.12 7.24
C TRP B 33 -2.14 4.41 5.97
N TRP B 34 -3.03 4.30 4.99
CA TRP B 34 -2.72 3.61 3.76
C TRP B 34 -1.92 4.52 2.91
N ASP B 35 -1.03 3.97 2.09
CA ASP B 35 -0.08 4.78 1.31
C ASP B 35 -0.61 5.23 -0.06
N TYR B 36 -1.93 5.31 -0.21
CA TYR B 36 -2.47 5.93 -1.41
C TYR B 36 -1.69 7.23 -1.74
N GLY B 37 -1.30 7.35 -3.00
CA GLY B 37 -0.54 8.51 -3.43
C GLY B 37 0.97 8.45 -3.32
N TYR B 38 1.53 7.27 -3.01
CA TYR B 38 2.98 7.07 -2.99
C TYR B 38 3.69 7.44 -4.28
N TRP B 39 2.95 7.58 -5.38
CA TRP B 39 3.53 7.90 -6.70
C TRP B 39 3.50 9.36 -7.06
N ILE B 40 2.72 10.13 -6.29
CA ILE B 40 2.62 11.58 -6.46
C ILE B 40 3.98 12.20 -6.15
N GLU B 41 4.44 13.00 -7.11
CA GLU B 41 5.77 13.60 -7.07
C GLU B 41 5.48 14.98 -6.63
N SER B 42 5.76 15.27 -5.37
CA SER B 42 5.25 16.48 -4.75
C SER B 42 5.44 16.29 -3.26
N SER B 43 5.18 17.32 -2.49
CA SER B 43 5.44 17.27 -1.07
C SER B 43 4.24 16.75 -0.28
N LEU B 44 3.09 16.71 -0.93
CA LEU B 44 1.87 16.27 -0.29
C LEU B 44 1.97 14.86 0.32
N LEU B 45 1.80 13.83 -0.51
CA LEU B 45 1.73 12.44 -0.06
C LEU B 45 2.96 11.62 -0.35
N GLY B 46 3.40 11.62 -1.61
CA GLY B 46 4.59 10.87 -2.06
C GLY B 46 5.69 10.79 -1.01
N ASN B 47 6.25 11.94 -0.63
CA ASN B 47 7.32 12.00 0.37
C ASN B 47 7.02 11.20 1.65
N ARG B 48 7.59 10.00 1.72
CA ARG B 48 7.36 9.04 2.80
C ARG B 48 8.45 7.97 2.69
N ARG B 49 9.45 8.03 3.57
CA ARG B 49 10.64 7.14 3.52
C ARG B 49 10.29 5.63 3.52
N ALA B 50 11.14 4.81 2.89
CA ALA B 50 10.91 3.38 2.82
C ALA B 50 11.51 2.67 4.04
N SER B 51 11.46 1.33 4.04
CA SER B 51 12.05 0.50 5.09
C SER B 51 13.58 0.37 4.98
N ALA B 52 14.21 -0.25 5.98
CA ALA B 52 15.63 -0.63 5.94
C ALA B 52 15.81 -2.00 5.23
N ASP B 53 14.69 -2.69 4.99
CA ASP B 53 14.68 -4.06 4.49
C ASP B 53 13.60 -4.34 3.41
N GLY B 54 12.92 -3.29 2.94
CA GLY B 54 11.78 -3.41 2.01
C GLY B 54 10.52 -3.80 2.77
N GLY B 55 9.37 -3.73 2.09
CA GLY B 55 8.09 -4.07 2.73
C GLY B 55 7.44 -2.84 3.35
N HIS B 56 6.37 -3.05 4.14
CA HIS B 56 5.54 -1.93 4.63
C HIS B 56 5.92 -1.24 5.97
N ALA B 57 6.49 -1.99 6.93
CA ALA B 57 6.62 -1.55 8.36
C ALA B 57 7.64 -0.40 8.73
N ARG B 58 7.17 0.86 8.71
CA ARG B 58 7.99 2.05 9.00
C ARG B 58 7.97 2.44 10.50
N ASP B 59 8.93 3.25 10.95
CA ASP B 59 8.97 3.77 12.34
C ASP B 59 7.75 4.65 12.69
N ARG B 60 7.44 5.59 11.82
CA ARG B 60 6.30 6.47 11.96
C ARG B 60 4.95 5.74 12.07
N ASP B 61 4.88 4.56 11.49
CA ASP B 61 3.63 3.83 11.49
C ASP B 61 3.14 3.65 12.91
N HIS B 62 4.09 3.37 13.82
CA HIS B 62 3.78 3.20 15.25
C HIS B 62 3.17 4.46 15.84
N ILE B 63 3.61 5.63 15.36
CA ILE B 63 3.07 6.89 15.87
C ILE B 63 1.66 7.19 15.28
N LEU B 64 1.46 6.94 13.98
CA LEU B 64 0.13 7.01 13.37
C LEU B 64 -0.84 6.11 14.09
N ALA B 65 -0.37 4.91 14.41
CA ALA B 65 -1.23 3.90 15.02
C ALA B 65 -1.54 4.32 16.45
N LEU B 66 -0.58 4.98 17.09
CA LEU B 66 -0.81 5.41 18.46
C LEU B 66 -1.94 6.40 18.41
N PHE B 67 -1.94 7.27 17.43
CA PHE B 67 -2.98 8.27 17.32
C PHE B 67 -4.32 7.61 17.00
N LEU B 68 -4.34 6.70 16.01
CA LEU B 68 -5.61 6.19 15.50
C LEU B 68 -6.26 5.20 16.44
N ALA B 69 -5.44 4.44 17.13
CA ALA B 69 -5.92 3.30 17.90
C ALA B 69 -6.27 3.63 19.34
N ARG B 70 -5.97 4.84 19.79
CA ARG B 70 -6.10 5.16 21.19
C ARG B 70 -6.98 6.34 21.52
N ASP B 71 -7.04 6.64 22.82
CA ASP B 71 -7.94 7.61 23.37
C ASP B 71 -7.21 8.40 24.45
N GLY B 72 -7.61 9.66 24.60
CA GLY B 72 -7.10 10.48 25.68
C GLY B 72 -5.64 10.84 25.52
N ASN B 73 -5.03 11.20 26.65
CA ASN B 73 -3.63 11.67 26.72
C ASN B 73 -2.64 10.89 25.90
N ILE B 74 -2.66 9.57 26.05
CA ILE B 74 -1.69 8.71 25.40
C ILE B 74 -1.73 8.88 23.87
N SER B 75 -2.85 9.34 23.32
CA SER B 75 -3.01 9.37 21.89
C SER B 75 -2.55 10.70 21.28
N GLU B 76 -2.14 11.64 22.12
CA GLU B 76 -1.71 12.96 21.63
C GLU B 76 -0.28 12.87 21.11
N VAL B 77 -0.10 12.83 19.81
CA VAL B 77 1.24 12.65 19.30
C VAL B 77 1.66 13.96 18.69
N ASP B 78 2.96 14.21 18.64
CA ASP B 78 3.40 15.51 18.12
C ASP B 78 3.51 15.54 16.57
N PHE B 79 2.37 15.55 15.89
CA PHE B 79 2.35 15.66 14.44
C PHE B 79 3.02 16.95 13.99
N GLU B 80 3.12 17.93 14.88
CA GLU B 80 3.61 19.24 14.48
C GLU B 80 5.07 19.13 14.14
N SER B 81 5.79 18.20 14.79
CA SER B 81 7.19 18.03 14.48
C SER B 81 7.42 17.46 13.08
N TRP B 82 6.43 16.83 12.47
CA TRP B 82 6.50 16.43 11.06
C TRP B 82 5.96 17.48 10.15
N GLU B 83 5.75 18.70 10.65
CA GLU B 83 5.09 19.79 9.91
C GLU B 83 3.79 19.38 9.19
N LEU B 84 3.01 18.50 9.81
CA LEU B 84 1.82 17.96 9.18
C LEU B 84 0.68 18.98 9.05
N ASN B 85 0.07 19.09 7.86
CA ASN B 85 -1.07 19.96 7.65
C ASN B 85 -2.42 19.26 7.59
N TYR B 86 -2.47 18.09 6.97
CA TYR B 86 -3.69 17.30 6.82
C TYR B 86 -3.54 15.82 7.22
N PHE B 87 -4.57 15.29 7.87
CA PHE B 87 -4.62 13.88 8.14
C PHE B 87 -5.82 13.30 7.41
N ILE B 88 -5.58 12.24 6.63
CA ILE B 88 -6.67 11.68 5.83
C ILE B 88 -7.20 10.43 6.51
N ILE B 89 -8.49 10.38 6.77
CA ILE B 89 -9.09 9.24 7.44
C ILE B 89 -9.84 8.45 6.38
N TYR B 90 -9.71 7.14 6.47
CA TYR B 90 -10.20 6.27 5.44
C TYR B 90 -11.04 5.24 6.15
N LEU B 91 -12.35 5.26 5.92
CA LEU B 91 -13.22 4.40 6.68
C LEU B 91 -12.89 2.92 6.46
N ASN B 92 -12.49 2.59 5.23
CA ASN B 92 -12.09 1.24 4.84
C ASN B 92 -10.93 0.70 5.64
N ASP B 93 -10.21 1.55 6.34
CA ASP B 93 -9.22 1.07 7.29
C ASP B 93 -9.74 0.24 8.46
N TRP B 94 -11.05 0.04 8.58
CA TRP B 94 -11.49 -0.93 9.55
C TRP B 94 -10.76 -2.23 9.25
N ALA B 95 -10.51 -2.51 7.96
CA ALA B 95 -9.95 -3.76 7.51
C ALA B 95 -8.50 -4.00 7.90
N LYS B 96 -7.83 -2.96 8.37
CA LYS B 96 -6.43 -3.05 8.82
C LYS B 96 -6.34 -2.74 10.32
N PHE B 97 -7.48 -2.74 11.00
CA PHE B 97 -7.50 -2.19 12.30
C PHE B 97 -6.89 -3.06 13.36
N ASN B 98 -6.83 -4.37 13.16
CA ASN B 98 -6.00 -5.19 14.07
C ASN B 98 -4.53 -4.76 14.06
N ALA B 99 -3.95 -4.54 12.89
CA ALA B 99 -2.54 -4.09 12.79
C ALA B 99 -2.37 -2.70 13.46
N ILE B 100 -3.17 -1.72 13.01
CA ILE B 100 -3.21 -0.43 13.66
C ILE B 100 -3.31 -0.57 15.21
N SER B 101 -4.19 -1.44 15.69
CA SER B 101 -4.40 -1.57 17.11
C SER B 101 -3.16 -2.11 17.80
N TYR B 102 -2.54 -3.08 17.14
CA TYR B 102 -1.37 -3.74 17.67
C TYR B 102 -0.19 -2.80 17.65
N LEU B 103 0.07 -2.18 16.51
CA LEU B 103 1.19 -1.29 16.39
C LEU B 103 1.06 -0.05 17.25
N GLY B 104 -0.16 0.28 17.68
CA GLY B 104 -0.40 1.49 18.48
C GLY B 104 -0.54 1.19 19.96
N GLY B 105 -0.34 -0.07 20.33
CA GLY B 105 -0.34 -0.43 21.72
C GLY B 105 -1.73 -0.61 22.29
N ALA B 106 -2.78 -0.66 21.47
CA ALA B 106 -4.12 -0.84 22.07
C ALA B 106 -4.42 -2.28 22.46
N ILE B 107 -3.78 -3.25 21.82
CA ILE B 107 -4.10 -4.65 22.06
C ILE B 107 -2.83 -5.49 22.16
N THR B 108 -2.95 -6.74 22.61
CA THR B 108 -1.81 -7.62 22.78
C THR B 108 -1.57 -8.35 21.46
N ARG B 109 -0.42 -9.00 21.39
CA ARG B 109 -0.05 -9.76 20.23
C ARG B 109 -1.06 -10.89 20.01
N LYS B 110 -1.52 -11.49 21.09
CA LYS B 110 -2.44 -12.60 20.98
C LYS B 110 -3.78 -12.10 20.41
N GLU B 111 -4.24 -10.96 20.89
CA GLU B 111 -5.49 -10.35 20.43
C GLU B 111 -5.38 -9.98 18.96
N TYR B 112 -4.18 -9.53 18.58
CA TYR B 112 -3.86 -9.10 17.24
C TYR B 112 -4.06 -10.19 16.20
N ASN B 113 -3.36 -11.31 16.38
CA ASN B 113 -3.35 -12.35 15.37
C ASN B 113 -3.39 -13.77 15.91
N GLY B 114 -3.79 -13.90 17.16
CA GLY B 114 -3.84 -15.21 17.82
C GLY B 114 -2.48 -15.56 18.37
N ASP B 115 -2.45 -16.47 19.34
CA ASP B 115 -1.19 -16.99 19.90
C ASP B 115 -0.46 -17.94 18.93
N GLU B 116 0.58 -18.63 19.43
CA GLU B 116 1.36 -19.59 18.63
C GLU B 116 0.53 -20.76 18.08
N ASN B 117 -0.49 -21.16 18.84
CA ASN B 117 -1.54 -22.06 18.36
C ASN B 117 -2.46 -21.40 17.34
N GLY B 118 -2.57 -20.06 17.41
CA GLY B 118 -3.38 -19.28 16.50
C GLY B 118 -4.74 -18.97 17.09
N ARG B 119 -4.86 -19.09 18.41
CA ARG B 119 -6.13 -18.74 19.06
C ARG B 119 -6.04 -17.47 19.93
N GLY B 120 -7.20 -16.92 20.29
CA GLY B 120 -7.29 -15.67 21.02
C GLY B 120 -7.42 -14.41 20.16
N ARG B 121 -7.33 -14.53 18.84
CA ARG B 121 -7.53 -13.38 17.96
C ARG B 121 -8.89 -12.75 18.20
N VAL B 122 -8.96 -11.43 18.18
CA VAL B 122 -10.26 -10.74 18.24
C VAL B 122 -10.40 -9.91 17.01
N THR B 123 -11.64 -9.64 16.59
CA THR B 123 -11.90 -8.64 15.54
C THR B 123 -12.11 -7.26 16.17
N THR B 124 -11.18 -6.35 15.95
CA THR B 124 -11.20 -5.04 16.61
C THR B 124 -12.34 -4.16 16.12
N ILE B 125 -12.56 -4.07 14.82
CA ILE B 125 -13.71 -3.33 14.31
C ILE B 125 -14.36 -4.13 13.21
N LEU B 126 -15.68 -4.06 13.16
CA LEU B 126 -16.50 -4.73 12.17
C LEU B 126 -17.63 -3.79 11.80
N LEU B 127 -17.89 -3.64 10.51
CA LEU B 127 -18.98 -2.77 10.09
C LEU B 127 -20.25 -3.54 9.75
N THR B 128 -21.41 -2.91 9.92
CA THR B 128 -22.71 -3.48 9.48
C THR B 128 -23.53 -2.40 8.79
N GLN B 129 -24.18 -2.75 7.69
CA GLN B 129 -25.00 -1.77 6.97
C GLN B 129 -26.46 -1.91 7.39
N ALA B 130 -27.12 -0.79 7.65
CA ALA B 130 -28.56 -0.79 7.93
C ALA B 130 -29.33 -1.39 6.74
N ALA B 131 -30.29 -2.24 7.07
CA ALA B 131 -31.16 -2.84 6.06
C ALA B 131 -32.54 -3.04 6.70
N GLY B 132 -33.35 -2.00 6.61
CA GLY B 132 -34.63 -1.97 7.26
C GLY B 132 -34.38 -1.56 8.69
N ASN B 133 -34.97 -2.31 9.61
CA ASN B 133 -34.89 -1.98 11.04
C ASN B 133 -33.72 -2.69 11.70
N VAL B 134 -33.06 -3.56 10.94
CA VAL B 134 -31.83 -4.20 11.39
C VAL B 134 -30.55 -3.57 10.80
N TYR B 135 -29.40 -4.03 11.29
CA TYR B 135 -28.11 -3.80 10.67
C TYR B 135 -27.51 -5.14 10.39
N VAL B 136 -26.90 -5.29 9.23
CA VAL B 136 -26.47 -6.60 8.79
C VAL B 136 -25.02 -6.55 8.29
N ASN B 137 -24.30 -7.67 8.43
CA ASN B 137 -23.05 -7.96 7.68
C ASN B 137 -23.03 -9.45 7.28
N PRO B 138 -23.48 -9.75 6.05
CA PRO B 138 -23.68 -11.13 5.59
C PRO B 138 -22.41 -11.96 5.67
N TYR B 139 -21.25 -11.37 5.39
CA TYR B 139 -19.98 -12.11 5.47
C TYR B 139 -19.61 -12.61 6.85
N ALA B 140 -19.75 -11.77 7.89
CA ALA B 140 -19.47 -12.21 9.25
C ALA B 140 -20.64 -12.94 9.88
N ARG B 141 -21.76 -12.97 9.12
CA ARG B 141 -23.03 -13.58 9.53
C ARG B 141 -23.58 -12.89 10.76
N ILE B 142 -23.65 -11.57 10.69
CA ILE B 142 -24.00 -10.78 11.84
C ILE B 142 -25.23 -9.95 11.55
N VAL B 143 -26.16 -9.98 12.50
CA VAL B 143 -27.33 -9.12 12.44
C VAL B 143 -27.42 -8.45 13.81
N ILE B 144 -27.60 -7.14 13.82
CA ILE B 144 -27.86 -6.40 15.04
C ILE B 144 -29.27 -5.86 14.98
N LYS B 145 -30.04 -6.18 16.02
CA LYS B 145 -31.42 -5.71 16.12
C LYS B 145 -31.54 -4.87 17.36
N VAL B 146 -32.24 -3.73 17.20
CA VAL B 146 -32.79 -2.99 18.33
C VAL B 146 -34.16 -3.59 18.60
N ILE B 147 -34.41 -3.94 19.86
CA ILE B 147 -35.66 -4.57 20.27
C ILE B 147 -36.33 -3.73 21.35
N GLN B 148 -37.54 -3.24 21.06
CA GLN B 148 -38.37 -2.47 22.01
C GLN B 148 -39.24 -3.40 22.88
N GLN B 149 -39.03 -3.36 24.19
CA GLN B 149 -39.82 -4.15 25.15
C GLN B 149 -40.36 -3.26 26.26
N ASN B 150 -41.51 -2.63 25.99
CA ASN B 150 -42.21 -1.76 26.94
C ASN B 150 -41.50 -0.42 27.21
N LYS B 151 -41.53 0.48 26.21
CA LYS B 151 -40.89 1.82 26.29
C LYS B 151 -39.34 1.75 26.46
N THR B 152 -38.81 0.53 26.64
CA THR B 152 -37.38 0.29 26.90
C THR B 152 -36.71 -0.53 25.78
N ARG B 153 -35.46 -0.17 25.47
CA ARG B 153 -34.73 -0.75 24.33
C ARG B 153 -33.67 -1.78 24.73
N ARG B 154 -33.56 -2.84 23.92
CA ARG B 154 -32.52 -3.85 24.11
C ARG B 154 -31.78 -4.05 22.78
N ILE B 155 -30.46 -4.07 22.84
CA ILE B 155 -29.66 -4.28 21.63
C ILE B 155 -29.15 -5.71 21.56
N ALA B 156 -29.57 -6.44 20.53
CA ALA B 156 -29.12 -7.81 20.37
C ALA B 156 -28.18 -7.93 19.19
N VAL B 157 -27.08 -8.64 19.40
CA VAL B 157 -26.12 -8.94 18.33
C VAL B 157 -26.13 -10.44 18.12
N ASN B 158 -26.63 -10.85 16.97
CA ASN B 158 -26.62 -12.26 16.61
C ASN B 158 -25.47 -12.57 15.73
N ILE B 159 -24.66 -13.52 16.16
CA ILE B 159 -23.57 -14.05 15.36
C ILE B 159 -23.92 -15.50 15.07
N GLY B 160 -24.30 -15.77 13.83
CA GLY B 160 -24.78 -17.08 13.47
C GLY B 160 -25.96 -17.41 14.35
N GLN B 161 -25.87 -18.53 15.05
CA GLN B 161 -26.98 -18.99 15.87
C GLN B 161 -27.06 -18.30 17.24
N LEU B 162 -26.01 -17.58 17.60
CA LEU B 162 -25.78 -17.14 18.97
C LEU B 162 -26.23 -15.70 19.22
N GLU B 163 -26.93 -15.48 20.33
CA GLU B 163 -27.38 -14.14 20.73
C GLU B 163 -26.48 -13.52 21.81
N CYS B 164 -26.04 -12.29 21.55
CA CYS B 164 -25.05 -11.65 22.41
C CYS B 164 -25.48 -10.25 22.84
N SER B 165 -25.01 -9.83 24.02
CA SER B 165 -25.28 -8.51 24.56
C SER B 165 -23.98 -7.71 24.69
N PRO B 166 -23.90 -6.56 24.03
CA PRO B 166 -22.65 -5.78 24.13
C PRO B 166 -22.46 -5.19 25.52
N ILE B 167 -21.28 -4.69 25.82
CA ILE B 167 -21.10 -3.97 27.06
C ILE B 167 -22.01 -2.72 27.11
N LEU B 168 -22.09 -2.06 25.94
CA LEU B 168 -22.70 -0.75 25.81
C LEU B 168 -23.11 -0.56 24.37
N SER B 169 -24.22 0.12 24.17
CA SER B 169 -24.66 0.50 22.84
C SER B 169 -24.97 1.99 22.88
N VAL B 170 -24.56 2.70 21.84
CA VAL B 170 -24.82 4.11 21.77
C VAL B 170 -25.40 4.40 20.42
N ALA B 171 -26.58 5.02 20.43
CA ALA B 171 -27.27 5.36 19.18
C ALA B 171 -27.10 6.82 18.82
N PHE B 172 -27.11 7.08 17.52
CA PHE B 172 -27.04 8.42 16.95
C PHE B 172 -28.06 8.62 15.83
N PRO B 173 -28.52 9.89 15.64
CA PRO B 173 -28.19 11.00 16.56
C PRO B 173 -28.95 10.85 17.87
N GLY B 174 -28.57 11.62 18.89
CA GLY B 174 -29.17 11.44 20.20
C GLY B 174 -28.15 11.13 21.27
N ASN B 175 -27.22 10.21 20.99
CA ASN B 175 -26.22 9.78 21.97
C ASN B 175 -26.86 9.05 23.15
N ILE B 176 -27.85 8.19 22.85
CA ILE B 176 -28.53 7.43 23.90
C ILE B 176 -27.75 6.12 24.22
N LYS B 177 -27.32 6.03 25.48
CA LYS B 177 -26.49 4.95 25.95
C LYS B 177 -27.34 3.83 26.55
N ILE B 178 -27.15 2.61 26.08
CA ILE B 178 -27.84 1.43 26.62
C ILE B 178 -26.82 0.39 27.08
N LYS B 179 -26.72 0.17 28.39
CA LYS B 179 -25.80 -0.87 28.91
C LYS B 179 -26.30 -2.28 28.58
N GLY B 180 -25.37 -3.22 28.46
CA GLY B 180 -25.70 -4.61 28.17
C GLY B 180 -24.80 -5.45 29.05
N SER B 181 -24.89 -6.76 28.95
CA SER B 181 -24.12 -7.57 29.87
C SER B 181 -22.75 -7.97 29.36
N GLY B 182 -22.42 -7.70 28.10
CA GLY B 182 -21.13 -8.13 27.54
C GLY B 182 -20.91 -9.64 27.54
N ARG B 183 -21.96 -10.38 27.19
CA ARG B 183 -21.96 -11.82 27.23
C ARG B 183 -22.79 -12.32 26.09
N CYS B 184 -22.66 -13.62 25.82
CA CYS B 184 -23.49 -14.26 24.85
C CYS B 184 -24.42 -15.20 25.59
N SER B 185 -25.51 -15.62 24.94
CA SER B 185 -26.49 -16.46 25.60
C SER B 185 -25.96 -17.81 26.15
N ASP B 186 -24.78 -18.26 25.71
CA ASP B 186 -24.13 -19.48 26.21
C ASP B 186 -23.09 -19.20 27.32
N GLY B 187 -22.98 -17.93 27.70
CA GLY B 187 -22.20 -17.57 28.86
C GLY B 187 -20.83 -17.05 28.54
N SER B 188 -20.40 -17.26 27.30
CA SER B 188 -19.09 -16.74 26.87
C SER B 188 -19.10 -15.22 26.86
N PRO B 189 -17.95 -14.61 27.14
CA PRO B 189 -17.87 -13.14 27.14
C PRO B 189 -17.97 -12.53 25.73
N PHE B 190 -18.50 -11.32 25.70
CA PHE B 190 -18.72 -10.61 24.45
C PHE B 190 -18.27 -9.19 24.71
N PRO B 191 -16.96 -8.98 24.80
CA PRO B 191 -16.46 -7.67 25.24
C PRO B 191 -16.42 -6.67 24.09
N TYR B 192 -17.62 -6.37 23.56
CA TYR B 192 -17.76 -5.45 22.43
C TYR B 192 -18.65 -4.23 22.73
N VAL B 193 -18.52 -3.17 21.94
CA VAL B 193 -19.36 -2.00 22.03
C VAL B 193 -19.99 -1.75 20.66
N VAL B 194 -21.30 -1.50 20.64
CA VAL B 194 -22.00 -1.23 19.40
C VAL B 194 -22.32 0.25 19.30
N TYR B 195 -22.15 0.83 18.11
CA TYR B 195 -22.60 2.18 17.83
C TYR B 195 -23.58 2.16 16.68
N LEU B 196 -24.72 2.82 16.85
CA LEU B 196 -25.74 2.86 15.79
C LEU B 196 -25.95 4.23 15.17
N THR B 197 -25.77 4.26 13.87
CA THR B 197 -25.90 5.43 13.03
C THR B 197 -27.09 5.17 12.12
N PRO B 198 -27.65 6.22 11.49
CA PRO B 198 -28.74 5.93 10.55
C PRO B 198 -28.34 4.93 9.48
N SER B 199 -27.09 4.98 9.02
CA SER B 199 -26.63 4.06 7.97
C SER B 199 -25.68 2.94 8.42
N LEU B 200 -24.95 3.16 9.53
CA LEU B 200 -23.89 2.26 9.97
C LEU B 200 -24.08 1.69 11.36
N GLY B 201 -23.77 0.41 11.51
CA GLY B 201 -23.59 -0.16 12.84
C GLY B 201 -22.13 -0.53 13.05
N VAL B 202 -21.48 0.10 14.03
CA VAL B 202 -20.07 -0.20 14.32
C VAL B 202 -19.97 -1.14 15.51
N LEU B 203 -19.30 -2.25 15.30
CA LEU B 203 -19.11 -3.23 16.33
C LEU B 203 -17.63 -3.21 16.66
N ALA B 204 -17.27 -2.76 17.85
CA ALA B 204 -15.87 -2.53 18.19
C ALA B 204 -15.45 -3.20 19.50
N TYR B 205 -14.31 -3.86 19.44
CA TYR B 205 -13.73 -4.49 20.62
C TYR B 205 -13.51 -3.42 21.69
N TYR B 206 -13.72 -3.79 22.96
CA TYR B 206 -13.74 -2.77 24.02
C TYR B 206 -12.48 -1.94 24.05
N LYS B 207 -11.31 -2.58 23.87
CA LYS B 207 -10.01 -1.87 23.97
C LYS B 207 -9.79 -0.79 22.91
N VAL B 208 -10.65 -0.74 21.91
CA VAL B 208 -10.53 0.26 20.86
C VAL B 208 -11.88 0.96 20.62
N ALA B 209 -12.85 0.69 21.48
CA ALA B 209 -14.17 1.23 21.26
C ALA B 209 -14.24 2.76 21.31
N THR B 210 -13.29 3.42 21.97
CA THR B 210 -13.36 4.88 21.96
C THR B 210 -12.12 5.46 21.30
N SER B 211 -11.55 4.70 20.35
CA SER B 211 -10.32 5.14 19.69
C SER B 211 -10.53 6.41 18.84
N ASN B 212 -9.45 7.12 18.53
CA ASN B 212 -9.59 8.29 17.68
C ASN B 212 -10.11 7.96 16.28
N PHE B 213 -9.77 6.77 15.78
CA PHE B 213 -10.25 6.35 14.48
C PHE B 213 -11.77 6.28 14.47
N VAL B 214 -12.37 5.63 15.47
CA VAL B 214 -13.80 5.49 15.37
C VAL B 214 -14.46 6.88 15.48
N LYS B 215 -13.88 7.76 16.31
CA LYS B 215 -14.34 9.15 16.40
C LYS B 215 -14.29 9.83 15.04
N LEU B 216 -13.13 9.81 14.40
CA LEU B 216 -12.90 10.58 13.21
C LEU B 216 -13.49 9.96 11.96
N ALA B 217 -13.71 8.65 11.97
CA ALA B 217 -14.24 7.96 10.79
C ALA B 217 -15.73 7.89 10.77
N PHE B 218 -16.37 7.65 11.91
CA PHE B 218 -17.83 7.54 11.95
C PHE B 218 -18.51 8.70 12.63
N GLY B 219 -17.79 9.82 12.81
CA GLY B 219 -18.30 11.01 13.51
C GLY B 219 -18.82 10.78 14.93
N ILE B 220 -18.40 9.68 15.55
CA ILE B 220 -18.84 9.28 16.88
C ILE B 220 -18.14 10.14 17.93
N PRO B 221 -18.90 10.95 18.67
CA PRO B 221 -18.22 11.80 19.65
C PRO B 221 -17.99 11.18 21.02
N THR B 222 -17.56 9.94 21.13
CA THR B 222 -17.34 9.42 22.48
C THR B 222 -15.88 9.21 22.83
N SER B 223 -15.55 9.50 24.09
CA SER B 223 -14.25 9.25 24.67
C SER B 223 -14.45 8.77 26.11
N SER B 224 -13.47 8.07 26.67
CA SER B 224 -13.48 7.71 28.09
C SER B 224 -12.95 8.83 28.95
N TYR B 225 -12.70 9.99 28.36
CA TYR B 225 -12.09 11.06 29.10
C TYR B 225 -12.90 12.32 28.86
N SER B 226 -13.14 13.08 29.94
CA SER B 226 -13.96 14.29 29.88
C SER B 226 -13.39 15.32 28.92
N GLU B 227 -14.29 15.86 28.12
CA GLU B 227 -13.97 16.93 27.19
C GLU B 227 -13.02 16.51 26.04
N PHE B 228 -12.43 15.30 26.09
CA PHE B 228 -11.41 14.90 25.12
C PHE B 228 -11.85 14.90 23.67
N ALA B 229 -13.09 14.50 23.43
CA ALA B 229 -13.69 14.52 22.10
C ALA B 229 -13.97 15.92 21.59
N GLU B 230 -14.42 16.80 22.47
CA GLU B 230 -14.60 18.21 22.10
C GLU B 230 -13.24 18.77 21.69
N LYS B 231 -12.23 18.55 22.52
CA LYS B 231 -10.86 18.97 22.22
C LYS B 231 -10.33 18.44 20.87
N LEU B 232 -10.37 17.12 20.70
CA LEU B 232 -9.91 16.50 19.46
C LEU B 232 -10.52 17.13 18.24
N PHE B 233 -11.83 17.35 18.30
CA PHE B 233 -12.51 17.92 17.14
C PHE B 233 -12.15 19.35 16.82
N SER B 234 -11.50 20.08 17.74
CA SER B 234 -10.99 21.40 17.38
C SER B 234 -9.58 21.30 16.76
N ASN B 235 -8.82 20.26 17.12
CA ASN B 235 -7.52 20.04 16.54
C ASN B 235 -7.57 19.39 15.13
N PHE B 236 -8.70 18.76 14.82
CA PHE B 236 -8.85 18.09 13.52
C PHE B 236 -10.17 18.47 12.91
N ILE B 237 -10.14 19.35 11.92
CA ILE B 237 -11.36 19.90 11.45
C ILE B 237 -11.65 19.37 10.03
N PRO B 238 -12.83 18.77 9.84
CA PRO B 238 -13.09 18.13 8.56
C PRO B 238 -13.24 19.20 7.53
N VAL B 239 -12.45 19.13 6.47
CA VAL B 239 -12.51 20.17 5.45
C VAL B 239 -12.99 19.65 4.10
N TYR B 240 -13.13 18.34 3.98
CA TYR B 240 -13.59 17.72 2.73
C TYR B 240 -13.91 16.27 2.98
N GLN B 241 -14.86 15.76 2.22
CA GLN B 241 -15.39 14.44 2.46
C GLN B 241 -15.97 13.90 1.16
N TYR B 242 -15.67 12.64 0.86
CA TYR B 242 -16.19 11.96 -0.31
C TYR B 242 -16.02 10.50 -0.18
N GLY B 243 -17.05 9.77 -0.57
CA GLY B 243 -17.08 8.33 -0.40
C GLY B 243 -16.59 7.97 0.99
N SER B 244 -15.51 7.21 1.06
CA SER B 244 -15.04 6.66 2.32
C SER B 244 -13.85 7.39 2.88
N VAL B 245 -13.62 8.60 2.36
CA VAL B 245 -12.44 9.38 2.72
C VAL B 245 -12.86 10.74 3.33
N ILE B 246 -12.28 11.08 4.49
CA ILE B 246 -12.45 12.40 5.09
C ILE B 246 -11.08 13.05 5.31
N VAL B 247 -10.90 14.25 4.76
CA VAL B 247 -9.67 15.06 4.96
C VAL B 247 -9.83 15.99 6.14
N TYR B 248 -8.96 15.88 7.12
CA TYR B 248 -8.97 16.78 8.28
C TYR B 248 -7.80 17.71 8.22
N GLU B 249 -8.07 19.00 8.38
CA GLU B 249 -7.01 19.96 8.63
C GLU B 249 -6.49 19.76 10.08
N PHE B 250 -5.17 19.82 10.26
CA PHE B 250 -4.59 19.67 11.59
C PHE B 250 -4.20 21.02 12.13
N ARG B 251 -4.74 21.35 13.32
CA ARG B 251 -4.36 22.55 14.06
C ARG B 251 -3.83 22.14 15.41
N PRO B 252 -2.51 22.13 15.54
CA PRO B 252 -1.90 21.68 16.80
C PRO B 252 -2.37 22.51 18.01
N PHE B 253 -2.67 23.78 17.72
CA PHE B 253 -3.10 24.73 18.76
C PHE B 253 -4.45 25.28 18.40
N ALA B 254 -5.48 24.79 19.09
CA ALA B 254 -6.84 25.19 18.77
C ALA B 254 -7.66 25.60 19.98
N ILE B 255 -8.73 26.32 19.68
CA ILE B 255 -9.67 26.76 20.70
C ILE B 255 -10.95 25.98 20.43
N TYR B 256 -11.42 25.23 21.44
CA TYR B 256 -12.64 24.47 21.26
C TYR B 256 -13.90 25.11 21.88
N LYS B 257 -13.73 26.23 22.56
CA LYS B 257 -14.85 26.93 23.18
C LYS B 257 -14.39 28.31 23.52
N ILE B 258 -15.19 29.30 23.11
CA ILE B 258 -15.01 30.68 23.54
C ILE B 258 -16.18 31.11 24.44
N GLU B 259 -15.87 31.80 25.55
CA GLU B 259 -16.94 32.43 26.35
C GLU B 259 -16.80 33.94 26.30
N ASP B 260 -17.91 34.64 26.18
CA ASP B 260 -17.92 36.12 26.24
C ASP B 260 -18.44 36.52 27.63
N PHE B 261 -17.80 37.50 28.27
CA PHE B 261 -18.29 38.03 29.55
C PHE B 261 -19.35 39.11 29.32
N ILE B 262 -20.62 38.73 29.46
CA ILE B 262 -21.68 39.60 29.06
C ILE B 262 -22.49 39.94 30.28
N ASN B 263 -22.57 41.23 30.56
CA ASN B 263 -23.30 41.76 31.71
C ASN B 263 -23.10 40.88 32.93
N GLY B 264 -21.84 40.61 33.27
CA GLY B 264 -21.52 39.82 34.46
C GLY B 264 -21.73 38.31 34.39
N THR B 265 -21.99 37.78 33.22
CA THR B 265 -22.03 36.33 33.07
C THR B 265 -21.23 35.83 31.85
N TRP B 266 -20.45 34.77 32.07
CA TRP B 266 -19.78 34.01 31.00
C TRP B 266 -20.77 33.27 30.16
N ARG B 267 -20.84 33.59 28.87
CA ARG B 267 -21.78 32.95 27.97
C ARG B 267 -21.01 32.41 26.79
N GLU B 268 -21.33 31.20 26.36
CA GLU B 268 -20.68 30.64 25.18
C GLU B 268 -21.16 31.40 23.98
N VAL B 269 -20.29 31.59 23.00
CA VAL B 269 -20.62 32.53 21.96
C VAL B 269 -20.47 31.94 20.54
N GLY B 270 -21.33 32.36 19.63
CA GLY B 270 -21.23 31.97 18.22
C GLY B 270 -20.43 33.05 17.54
N LYS B 271 -21.12 34.06 16.99
CA LYS B 271 -20.48 35.30 16.50
C LYS B 271 -19.95 36.18 17.65
N LEU B 272 -19.28 37.27 17.27
CA LEU B 272 -18.80 38.29 18.19
C LEU B 272 -18.98 39.60 17.47
N SER B 273 -19.19 40.66 18.22
CA SER B 273 -19.47 41.96 17.66
C SER B 273 -18.24 42.83 17.76
N PRO B 274 -18.11 43.82 16.87
CA PRO B 274 -17.05 44.81 17.07
C PRO B 274 -17.21 45.47 18.43
N GLY B 275 -16.10 45.92 19.03
CA GLY B 275 -16.10 46.56 20.35
C GLY B 275 -15.38 45.74 21.44
N LYS B 276 -15.37 46.27 22.67
CA LYS B 276 -14.60 45.68 23.78
C LYS B 276 -15.17 44.33 24.15
N HIS B 277 -14.31 43.37 24.43
CA HIS B 277 -14.73 42.11 24.98
C HIS B 277 -13.74 41.63 25.98
N THR B 278 -14.24 40.81 26.89
CA THR B 278 -13.42 40.03 27.72
C THR B 278 -13.77 38.58 27.43
N LEU B 279 -12.79 37.83 26.91
CA LEU B 279 -13.03 36.47 26.43
C LEU B 279 -12.33 35.44 27.31
N ARG B 280 -12.95 34.28 27.43
CA ARG B 280 -12.29 33.13 28.00
C ARG B 280 -12.10 32.07 26.92
N LEU B 281 -10.84 31.79 26.63
CA LEU B 281 -10.44 30.89 25.56
C LEU B 281 -10.08 29.49 26.06
N TYR B 282 -10.85 28.50 25.64
CA TYR B 282 -10.54 27.11 25.98
C TYR B 282 -9.66 26.54 24.89
N ILE B 283 -8.46 26.15 25.29
CA ILE B 283 -7.44 25.75 24.32
C ILE B 283 -7.12 24.26 24.38
N SER B 284 -7.15 23.62 23.21
CA SER B 284 -6.59 22.27 23.06
C SER B 284 -5.23 22.37 22.36
N ALA B 285 -4.18 21.93 23.04
CA ALA B 285 -2.86 21.85 22.43
C ALA B 285 -2.54 20.37 22.20
N PHE B 286 -2.51 19.98 20.95
CA PHE B 286 -2.44 18.57 20.62
C PHE B 286 -1.00 18.11 20.38
N GLY B 287 -0.43 17.44 21.36
CA GLY B 287 0.84 16.76 21.18
C GLY B 287 2.13 17.48 21.52
N ARG B 288 2.09 18.81 21.63
CA ARG B 288 3.25 19.56 22.08
C ARG B 288 2.84 20.79 22.91
N ASP B 289 3.72 21.18 23.82
CA ASP B 289 3.54 22.34 24.69
C ASP B 289 3.47 23.67 24.00
N ILE B 290 2.71 24.56 24.62
CA ILE B 290 2.76 25.98 24.32
C ILE B 290 3.93 26.57 25.13
N LYS B 291 4.78 27.33 24.44
CA LYS B 291 6.05 27.73 25.01
C LYS B 291 6.40 29.09 24.38
N ASN B 292 6.51 30.12 25.21
CA ASN B 292 6.84 31.50 24.77
C ASN B 292 5.92 32.03 23.68
N ALA B 293 4.61 31.82 23.85
CA ALA B 293 3.65 32.17 22.80
C ALA B 293 2.96 33.53 22.95
N THR B 294 2.59 34.11 21.82
CA THR B 294 1.88 35.37 21.80
C THR B 294 0.56 35.11 21.09
N LEU B 295 -0.55 35.54 21.71
CA LEU B 295 -1.88 35.39 21.11
C LEU B 295 -2.26 36.61 20.30
N TYR B 296 -2.72 36.40 19.08
CA TYR B 296 -3.23 37.51 18.29
C TYR B 296 -4.66 37.24 17.91
N VAL B 297 -5.33 38.29 17.50
CA VAL B 297 -6.54 38.10 16.74
C VAL B 297 -6.40 38.97 15.47
N TYR B 298 -6.63 38.31 14.34
CA TYR B 298 -6.59 38.89 13.01
C TYR B 298 -8.03 39.10 12.60
N ALA B 299 -8.31 40.32 12.16
CA ALA B 299 -9.61 40.68 11.60
C ALA B 299 -9.52 40.58 10.09
N LEU B 300 -10.45 39.81 9.52
CA LEU B 300 -10.40 39.48 8.11
C LEU B 300 -11.65 39.88 7.33
N ASN B 301 -11.48 40.61 6.23
CA ASN B 301 -12.52 40.76 5.20
C ASN B 301 -12.19 39.85 4.04
N GLY B 302 -13.00 38.82 3.83
CA GLY B 302 -12.71 37.81 2.81
C GLY B 302 -11.43 37.05 3.12
N THR B 303 -10.32 37.48 2.50
CA THR B 303 -9.00 36.91 2.84
C THR B 303 -8.01 38.00 3.21
N LYS B 304 -8.43 39.25 3.09
CA LYS B 304 -7.55 40.35 3.42
C LYS B 304 -7.44 40.49 4.96
N ILE B 305 -6.22 40.42 5.49
CA ILE B 305 -6.01 40.63 6.93
C ILE B 305 -5.97 42.13 7.22
N ILE B 306 -7.04 42.65 7.81
CA ILE B 306 -7.22 44.10 7.94
C ILE B 306 -6.64 44.72 9.21
N LYS B 307 -6.43 43.93 10.25
CA LYS B 307 -5.74 44.38 11.46
C LYS B 307 -5.22 43.19 12.28
N ARG B 308 -4.08 43.40 12.95
CA ARG B 308 -3.51 42.36 13.78
C ARG B 308 -3.45 42.93 15.17
N ILE B 309 -4.04 42.23 16.12
CA ILE B 309 -4.08 42.74 17.47
C ILE B 309 -3.56 41.68 18.42
N LYS B 310 -2.45 42.01 19.07
CA LYS B 310 -1.92 41.20 20.13
C LYS B 310 -2.90 41.22 21.30
N VAL B 311 -3.20 40.07 21.87
CA VAL B 311 -4.20 40.04 22.93
C VAL B 311 -3.75 39.33 24.17
N GLY B 312 -2.55 38.81 24.22
CA GLY B 312 -2.07 38.20 25.44
C GLY B 312 -0.87 37.35 25.14
N GLU B 313 -0.44 36.58 26.13
CA GLU B 313 0.79 35.81 26.00
C GLU B 313 0.67 34.53 26.79
N ILE B 314 1.34 33.47 26.35
CA ILE B 314 1.44 32.27 27.16
C ILE B 314 2.91 31.88 27.22
N LYS B 315 3.46 31.94 28.43
CA LYS B 315 4.84 31.63 28.67
C LYS B 315 5.06 30.12 28.48
N TYR B 316 4.23 29.34 29.16
CA TYR B 316 4.26 27.90 29.09
C TYR B 316 2.87 27.31 29.37
N MET B 317 2.49 26.28 28.62
CA MET B 317 1.35 25.43 28.93
C MET B 317 1.66 24.04 28.47
N ASN B 318 1.56 23.11 29.39
CA ASN B 318 1.77 21.72 29.13
C ASN B 318 0.57 21.15 28.37
N HIS B 319 0.83 20.44 27.25
CA HIS B 319 -0.26 19.92 26.38
C HIS B 319 -1.17 18.91 27.03
N LEU B 320 -0.79 18.48 28.23
CA LEU B 320 -1.60 17.52 28.94
C LEU B 320 -2.32 18.11 30.18
N GLU B 321 -2.41 19.42 30.24
CA GLU B 321 -2.75 20.17 31.45
C GLU B 321 -3.18 21.56 31.03
N GLU B 322 -4.02 21.67 30.00
CA GLU B 322 -4.43 23.00 29.56
C GLU B 322 -5.31 23.69 30.57
N TYR B 323 -5.19 25.01 30.65
CA TYR B 323 -6.07 25.82 31.46
C TYR B 323 -6.70 26.85 30.50
N PRO B 324 -7.91 27.36 30.81
CA PRO B 324 -8.48 28.48 30.03
C PRO B 324 -7.67 29.76 30.15
N ILE B 325 -7.72 30.61 29.14
CA ILE B 325 -7.00 31.87 29.15
C ILE B 325 -8.06 32.96 29.08
N ILE B 326 -7.92 34.00 29.90
CA ILE B 326 -8.83 35.11 29.85
C ILE B 326 -8.12 36.25 29.18
N VAL B 327 -8.80 36.96 28.30
CA VAL B 327 -8.14 37.89 27.41
C VAL B 327 -9.07 39.10 27.14
N ASN B 328 -8.49 40.28 26.88
CA ASN B 328 -9.26 41.48 26.52
C ASN B 328 -8.98 41.95 25.11
N VAL B 329 -10.00 42.38 24.41
CA VAL B 329 -9.75 42.72 23.04
C VAL B 329 -10.74 43.74 22.55
N THR B 330 -10.26 44.73 21.80
CA THR B 330 -11.16 45.62 21.11
C THR B 330 -11.23 45.21 19.64
N LEU B 331 -12.35 44.59 19.27
CA LEU B 331 -12.47 44.09 17.92
C LEU B 331 -12.96 45.17 16.94
N PRO B 332 -12.30 45.30 15.78
CA PRO B 332 -12.71 46.32 14.81
C PRO B 332 -13.74 45.72 13.84
N THR B 333 -14.42 46.58 13.09
CA THR B 333 -15.44 46.09 12.16
C THR B 333 -14.77 45.26 11.11
N ALA B 334 -15.28 44.05 10.91
CA ALA B 334 -14.66 43.11 10.00
C ALA B 334 -15.62 42.01 9.69
N GLN B 335 -15.32 41.21 8.69
CA GLN B 335 -16.24 40.13 8.33
C GLN B 335 -16.10 38.94 9.28
N LYS B 336 -14.87 38.67 9.73
CA LYS B 336 -14.61 37.59 10.70
C LYS B 336 -13.32 37.81 11.53
N TYR B 337 -13.11 36.95 12.53
CA TYR B 337 -11.96 37.07 13.41
C TYR B 337 -11.21 35.76 13.55
N ARG B 338 -9.89 35.82 13.31
CA ARG B 338 -9.05 34.62 13.40
C ARG B 338 -8.13 34.71 14.59
N PHE B 339 -8.20 33.70 15.45
CA PHE B 339 -7.38 33.70 16.65
C PHE B 339 -6.07 32.97 16.35
N ILE B 340 -4.96 33.63 16.64
CA ILE B 340 -3.66 33.09 16.29
C ILE B 340 -2.83 32.83 17.52
N LEU B 341 -2.21 31.66 17.56
CA LEU B 341 -1.14 31.42 18.52
C LEU B 341 0.20 31.48 17.75
N ALA B 342 1.08 32.40 18.13
CA ALA B 342 2.40 32.52 17.49
C ALA B 342 3.50 32.04 18.42
N GLN B 343 4.20 30.99 18.00
CA GLN B 343 5.34 30.49 18.73
C GLN B 343 6.35 29.80 17.79
N LYS B 344 7.37 29.23 18.40
CA LYS B 344 8.47 28.69 17.65
C LYS B 344 8.13 27.30 17.19
N GLY B 345 8.16 27.10 15.87
CA GLY B 345 7.94 25.76 15.29
C GLY B 345 8.55 25.51 13.92
N PRO B 346 8.61 24.23 13.51
CA PRO B 346 9.32 23.81 12.29
C PRO B 346 8.60 24.19 11.01
N VAL B 347 9.38 24.47 9.97
CA VAL B 347 8.81 24.91 8.72
C VAL B 347 9.72 24.47 7.56
N GLY B 348 9.19 24.45 6.33
CA GLY B 348 9.97 23.98 5.18
C GLY B 348 10.04 22.49 4.82
N VAL B 349 9.86 22.23 3.54
CA VAL B 349 9.99 20.89 2.99
C VAL B 349 11.28 20.74 2.16
N LEU B 350 12.09 19.72 2.44
CA LEU B 350 13.26 19.41 1.55
C LEU B 350 12.85 19.14 0.09
N THR B 351 13.37 19.94 -0.84
CA THR B 351 12.91 19.87 -2.25
C THR B 351 13.85 19.18 -3.23
N GLY B 352 15.06 18.89 -2.78
CA GLY B 352 15.99 18.07 -3.54
C GLY B 352 16.98 17.46 -2.57
N PRO B 353 17.90 16.63 -3.08
CA PRO B 353 18.90 15.89 -2.27
C PRO B 353 19.69 16.72 -1.24
N VAL B 354 20.01 16.09 -0.13
CA VAL B 354 20.86 16.69 0.88
C VAL B 354 22.26 16.14 0.66
N ARG B 355 23.26 17.02 0.50
CA ARG B 355 24.65 16.60 0.40
C ARG B 355 25.48 16.97 1.62
N VAL B 356 26.32 16.03 2.06
CA VAL B 356 27.38 16.31 3.02
C VAL B 356 28.71 16.05 2.30
N ASN B 357 29.54 17.10 2.19
CA ASN B 357 30.83 17.04 1.47
C ASN B 357 30.65 16.61 0.01
N GLY B 358 29.57 17.08 -0.61
CA GLY B 358 29.28 16.81 -2.02
C GLY B 358 28.48 15.55 -2.25
N LYS B 359 28.48 14.66 -1.25
CA LYS B 359 27.86 13.34 -1.35
C LYS B 359 26.39 13.25 -0.83
N ILE B 360 25.48 12.88 -1.72
CA ILE B 360 24.08 12.65 -1.37
C ILE B 360 23.92 11.70 -0.19
N THR B 361 23.30 12.16 0.91
CA THR B 361 22.97 11.22 2.01
C THR B 361 21.47 11.08 2.34
N ASN B 362 21.17 10.05 3.14
CA ASN B 362 19.85 9.84 3.76
C ASN B 362 19.21 11.12 4.39
N PRO B 363 18.12 11.63 3.77
CA PRO B 363 17.48 12.83 4.32
C PRO B 363 16.92 12.64 5.74
N ALA B 364 16.81 11.40 6.21
CA ALA B 364 16.28 11.07 7.53
C ALA B 364 17.35 10.82 8.59
N TYR B 365 18.59 10.61 8.14
CA TYR B 365 19.76 10.48 9.03
C TYR B 365 20.88 11.10 8.23
N ILE B 366 20.97 12.44 8.26
CA ILE B 366 21.86 13.18 7.36
C ILE B 366 23.33 13.20 7.79
N MET B 367 23.59 13.03 9.09
CA MET B 367 24.94 13.04 9.63
C MET B 367 25.01 12.07 10.77
N ARG B 368 26.15 11.39 10.94
CA ARG B 368 26.33 10.45 12.03
C ARG B 368 26.97 11.13 13.23
N GLU B 369 26.67 10.58 14.40
CA GLU B 369 27.29 10.95 15.66
C GLU B 369 28.80 11.17 15.50
N GLY B 370 29.29 12.34 15.88
CA GLY B 370 30.73 12.61 15.83
C GLY B 370 31.30 13.25 14.57
N GLU B 371 30.69 12.99 13.41
CA GLU B 371 31.21 13.46 12.12
C GLU B 371 30.98 14.96 11.92
N SER B 372 31.63 15.56 10.92
CA SER B 372 31.46 16.99 10.60
C SER B 372 31.56 17.22 9.10
N GLY B 373 31.16 18.40 8.62
CA GLY B 373 31.19 18.63 7.17
C GLY B 373 30.40 19.80 6.62
N ARG B 374 30.50 19.97 5.31
CA ARG B 374 29.86 21.03 4.55
C ARG B 374 28.48 20.56 4.13
N LEU B 375 27.45 21.13 4.75
CA LEU B 375 26.06 20.72 4.52
C LEU B 375 25.35 21.59 3.47
N GLU B 376 24.85 20.95 2.42
CA GLU B 376 24.13 21.63 1.33
C GLU B 376 22.73 21.05 1.24
N LEU B 377 21.70 21.91 1.31
CA LEU B 377 20.31 21.45 1.16
C LEU B 377 19.39 22.46 0.51
N LYS B 378 18.35 21.94 -0.11
CA LYS B 378 17.40 22.78 -0.82
C LYS B 378 16.07 22.69 -0.08
N VAL B 379 15.56 23.85 0.37
CA VAL B 379 14.39 23.89 1.24
C VAL B 379 13.25 24.78 0.72
N GLY B 380 12.04 24.25 0.73
CA GLY B 380 10.87 24.96 0.20
C GLY B 380 9.89 25.48 1.25
N VAL B 381 9.73 26.80 1.33
CA VAL B 381 8.72 27.38 2.21
C VAL B 381 7.67 28.11 1.42
N ASP B 382 6.51 28.29 2.05
CA ASP B 382 5.35 28.94 1.46
C ASP B 382 5.32 30.44 1.72
N LYS B 383 6.26 30.96 2.53
CA LYS B 383 6.38 32.41 2.82
C LYS B 383 7.69 32.84 3.49
N GLU B 384 7.87 34.16 3.62
CA GLU B 384 9.10 34.71 4.20
C GLU B 384 9.25 34.37 5.66
N TYR B 385 10.42 33.87 6.05
CA TYR B 385 10.72 33.61 7.45
C TYR B 385 12.15 33.99 7.75
N THR B 386 12.47 34.07 9.04
CA THR B 386 13.84 34.19 9.51
C THR B 386 14.04 32.97 10.39
N ALA B 387 14.91 32.08 9.97
CA ALA B 387 14.99 30.76 10.59
C ALA B 387 16.29 30.44 11.29
N ASP B 388 16.16 29.59 12.29
CA ASP B 388 17.29 28.94 12.92
C ASP B 388 17.34 27.52 12.39
N LEU B 389 18.51 27.08 11.95
CA LEU B 389 18.67 25.73 11.43
C LEU B 389 19.29 24.87 12.50
N TYR B 390 18.55 23.85 12.96
CA TYR B 390 19.06 22.94 13.98
C TYR B 390 19.22 21.56 13.37
N LEU B 391 19.94 20.71 14.07
CA LEU B 391 19.88 19.29 13.83
C LEU B 391 18.96 18.67 14.89
N ARG B 392 17.95 17.94 14.45
CA ARG B 392 17.00 17.38 15.40
C ARG B 392 17.09 15.87 15.41
N ALA B 393 17.16 15.32 16.61
CA ALA B 393 17.05 13.88 16.79
C ALA B 393 15.61 13.43 17.06
N THR B 394 15.19 12.31 16.46
CA THR B 394 13.89 11.68 16.78
C THR B 394 14.06 10.21 17.10
N PHE B 395 13.66 9.80 18.30
CA PHE B 395 13.58 8.39 18.64
C PHE B 395 12.12 7.96 18.66
N ILE B 396 11.83 6.91 17.89
CA ILE B 396 10.57 6.21 17.96
C ILE B 396 10.91 4.82 18.49
N TYR B 397 10.26 4.42 19.59
CA TYR B 397 10.61 3.18 20.23
C TYR B 397 9.41 2.62 21.01
N LEU B 398 9.46 1.34 21.37
CA LEU B 398 8.39 0.69 22.08
C LEU B 398 8.83 0.31 23.47
N VAL B 399 7.86 0.26 24.39
CA VAL B 399 8.10 -0.27 25.74
C VAL B 399 7.05 -1.35 26.04
N ARG B 400 7.48 -2.58 26.28
CA ARG B 400 6.53 -3.64 26.50
C ARG B 400 5.67 -3.35 27.73
N LYS B 401 4.39 -3.71 27.63
CA LYS B 401 3.46 -3.64 28.76
C LYS B 401 2.84 -5.02 28.94
N GLY B 402 2.96 -5.56 30.15
CA GLY B 402 2.48 -6.90 30.47
C GLY B 402 3.38 -7.99 29.92
N GLY B 403 2.98 -9.25 30.12
CA GLY B 403 3.76 -10.40 29.67
C GLY B 403 5.09 -10.62 30.36
N LYS B 404 5.67 -11.81 30.16
CA LYS B 404 6.92 -12.22 30.82
C LYS B 404 8.20 -11.87 30.05
N SER B 405 8.09 -11.76 28.73
CA SER B 405 9.18 -11.25 27.88
C SER B 405 8.60 -10.61 26.62
N ASN B 406 9.49 -10.07 25.78
CA ASN B 406 9.08 -9.53 24.51
C ASN B 406 8.49 -10.58 23.59
N GLU B 407 8.74 -11.84 23.93
CA GLU B 407 8.28 -12.94 23.12
C GLU B 407 6.91 -13.49 23.58
N ASP B 408 6.42 -13.01 24.71
CA ASP B 408 5.16 -13.43 25.31
C ASP B 408 4.01 -12.87 24.49
N TYR B 409 3.11 -13.75 24.08
CA TYR B 409 1.88 -13.34 23.37
C TYR B 409 0.92 -12.44 24.15
N ASP B 410 1.04 -12.40 25.48
CA ASP B 410 0.17 -11.53 26.27
C ASP B 410 0.71 -10.10 26.31
N ALA B 411 1.87 -9.89 25.71
CA ALA B 411 2.51 -8.58 25.74
C ALA B 411 1.86 -7.65 24.74
N SER B 412 1.64 -6.40 25.15
CA SER B 412 1.39 -5.34 24.19
C SER B 412 2.63 -4.43 24.20
N PHE B 413 2.71 -3.55 23.20
CA PHE B 413 3.87 -2.66 23.01
C PHE B 413 3.52 -1.19 22.83
N GLU B 414 3.84 -0.40 23.85
CA GLU B 414 3.53 1.03 23.90
C GLU B 414 4.53 1.85 23.08
N PRO B 415 4.03 2.65 22.10
CA PRO B 415 4.93 3.47 21.30
C PRO B 415 5.31 4.81 21.94
N HIS B 416 6.52 5.29 21.66
CA HIS B 416 7.03 6.55 22.16
C HIS B 416 7.70 7.27 21.05
N MET B 417 7.58 8.59 21.03
CA MET B 417 8.35 9.37 20.09
C MET B 417 8.95 10.54 20.85
N ASP B 418 10.28 10.61 20.87
CA ASP B 418 11.01 11.68 21.58
C ASP B 418 11.82 12.48 20.61
N THR B 419 11.78 13.77 20.83
CA THR B 419 12.36 14.75 20.01
C THR B 419 13.28 15.65 20.86
N PHE B 420 14.42 16.04 20.28
CA PHE B 420 15.28 17.05 20.87
C PHE B 420 16.21 17.68 19.81
N PHE B 421 16.63 18.91 20.07
CA PHE B 421 17.64 19.57 19.26
C PHE B 421 19.07 19.17 19.68
N ILE B 422 19.91 18.79 18.71
CA ILE B 422 21.30 18.40 19.00
C ILE B 422 22.23 19.61 19.03
N THR B 423 22.14 20.47 18.01
CA THR B 423 22.96 21.67 17.90
C THR B 423 22.21 22.63 17.03
N LYS B 424 22.43 23.93 17.27
CA LYS B 424 22.06 24.93 16.32
C LYS B 424 23.18 24.95 15.29
N LEU B 425 22.84 25.13 14.02
CA LEU B 425 23.84 25.28 12.96
C LEU B 425 24.06 26.75 12.62
N LYS B 426 23.08 27.38 11.98
CA LYS B 426 23.14 28.81 11.69
C LYS B 426 21.93 29.53 12.28
N GLU B 427 21.96 30.86 12.23
CA GLU B 427 20.95 31.72 12.84
C GLU B 427 20.60 32.84 11.87
N GLY B 428 19.38 33.33 11.90
CA GLY B 428 18.97 34.42 11.01
C GLY B 428 18.92 34.12 9.51
N ILE B 429 18.66 32.87 9.13
CA ILE B 429 18.50 32.53 7.72
C ILE B 429 17.24 33.12 7.10
N LYS B 430 17.42 33.95 6.08
CA LYS B 430 16.30 34.72 5.54
C LYS B 430 15.59 34.00 4.43
N LEU B 431 14.89 32.92 4.76
CA LEU B 431 14.10 32.14 3.79
C LEU B 431 13.06 32.99 3.13
N ARG B 432 12.91 32.82 1.81
CA ARG B 432 11.92 33.54 0.99
C ARG B 432 11.08 32.50 0.28
N PRO B 433 9.83 32.85 -0.13
CA PRO B 433 8.89 31.89 -0.75
C PRO B 433 9.50 31.10 -1.89
N GLY B 434 9.06 29.85 -2.06
CA GLY B 434 9.69 28.91 -3.01
C GLY B 434 10.94 28.19 -2.46
N GLU B 435 11.83 27.79 -3.35
CA GLU B 435 13.02 27.00 -2.97
C GLU B 435 14.15 27.86 -2.44
N ASN B 436 15.01 27.30 -1.59
CA ASN B 436 16.08 28.05 -0.93
C ASN B 436 17.30 27.16 -0.74
N GLU B 437 18.44 27.53 -1.33
CA GLU B 437 19.67 26.76 -1.16
C GLU B 437 20.38 27.27 0.06
N ILE B 438 20.75 26.36 0.97
CA ILE B 438 21.40 26.73 2.22
C ILE B 438 22.60 25.83 2.39
N VAL B 439 23.73 26.45 2.71
CA VAL B 439 25.01 25.78 2.89
C VAL B 439 25.60 26.23 4.21
N VAL B 440 26.15 25.27 4.96
CA VAL B 440 26.62 25.56 6.31
C VAL B 440 27.53 24.44 6.83
N ASN B 441 28.41 24.78 7.75
CA ASN B 441 29.38 23.83 8.26
C ASN B 441 28.86 23.22 9.56
N ALA B 442 28.76 21.90 9.55
CA ALA B 442 27.98 21.20 10.52
C ALA B 442 28.81 20.21 11.31
N GLU B 443 28.79 20.33 12.64
CA GLU B 443 29.44 19.36 13.50
C GLU B 443 28.40 18.65 14.35
N MET B 444 28.52 17.33 14.47
CA MET B 444 27.62 16.62 15.35
C MET B 444 28.33 15.96 16.54
N PRO B 445 28.02 16.41 17.76
CA PRO B 445 28.68 15.90 18.97
C PRO B 445 28.89 14.38 19.00
N LYS B 446 29.98 13.95 19.63
CA LYS B 446 30.18 12.54 19.90
C LYS B 446 29.19 12.22 21.01
N ASN B 447 28.72 10.97 21.04
CA ASN B 447 27.69 10.53 21.99
C ASN B 447 26.39 11.40 22.10
N ALA B 448 25.95 11.93 20.96
CA ALA B 448 24.70 12.69 20.93
C ALA B 448 23.49 11.75 20.78
N ILE B 449 23.64 10.74 19.91
CA ILE B 449 22.63 9.76 19.62
C ILE B 449 22.75 8.56 20.53
N SER B 450 23.97 8.13 20.77
CA SER B 450 24.25 6.97 21.63
C SER B 450 24.03 7.28 23.11
N SER B 451 24.15 8.55 23.47
CA SER B 451 23.93 8.97 24.81
C SER B 451 22.47 8.66 25.22
N TYR B 452 21.54 9.12 24.38
CA TYR B 452 20.11 8.91 24.60
C TYR B 452 19.73 7.44 24.56
N LYS B 453 20.26 6.72 23.56
CA LYS B 453 20.10 5.27 23.45
C LYS B 453 20.36 4.63 24.81
N GLU B 454 21.54 4.92 25.37
CA GLU B 454 21.97 4.49 26.72
C GLU B 454 21.04 4.95 27.84
N LYS B 455 20.55 6.18 27.77
CA LYS B 455 19.55 6.63 28.76
C LYS B 455 18.25 5.79 28.74
N LEU B 456 17.76 5.49 27.55
CA LEU B 456 16.54 4.67 27.39
C LEU B 456 16.73 3.21 27.79
N GLU B 457 17.85 2.61 27.38
CA GLU B 457 18.11 1.21 27.73
C GLU B 457 18.40 1.04 29.22
N LYS B 458 18.81 2.14 29.86
CA LYS B 458 18.94 2.17 31.32
C LYS B 458 17.54 2.10 31.89
N GLU B 459 16.68 3.03 31.44
CA GLU B 459 15.35 3.22 31.99
C GLU B 459 14.37 2.06 31.80
N HIS B 460 14.48 1.33 30.69
CA HIS B 460 13.47 0.33 30.37
C HIS B 460 14.04 -1.05 30.26
N GLY B 461 15.35 -1.13 30.07
CA GLY B 461 16.04 -2.41 29.97
C GLY B 461 15.52 -3.31 28.87
N ASP B 462 15.02 -4.47 29.25
CA ASP B 462 14.67 -5.50 28.28
C ASP B 462 13.34 -5.19 27.60
N LYS B 463 12.53 -4.36 28.25
CA LYS B 463 11.23 -3.90 27.74
C LYS B 463 11.33 -3.03 26.47
N LEU B 464 12.51 -2.50 26.20
CA LEU B 464 12.72 -1.52 25.15
C LEU B 464 12.95 -2.16 23.78
N ILE B 465 12.23 -1.69 22.77
CA ILE B 465 12.52 -2.02 21.36
C ILE B 465 12.61 -0.70 20.58
N ILE B 466 13.81 -0.39 20.09
CA ILE B 466 13.97 0.84 19.35
C ILE B 466 13.54 0.58 17.95
N ARG B 467 12.71 1.46 17.41
CA ARG B 467 12.14 1.15 16.11
C ARG B 467 12.61 2.07 15.03
N GLY B 468 13.09 3.26 15.41
CA GLY B 468 13.58 4.20 14.41
C GLY B 468 14.31 5.32 15.11
N ILE B 469 15.36 5.83 14.46
CA ILE B 469 16.12 6.97 14.96
C ILE B 469 16.42 7.82 13.77
N ARG B 470 16.12 9.11 13.87
CA ARG B 470 16.36 10.00 12.77
C ARG B 470 17.21 11.14 13.26
N VAL B 471 17.80 11.83 12.30
CA VAL B 471 18.65 12.98 12.51
C VAL B 471 18.41 13.87 11.30
N GLU B 472 17.75 14.99 11.53
CA GLU B 472 17.21 15.75 10.42
C GLU B 472 17.59 17.19 10.61
N PRO B 473 17.73 17.93 9.50
CA PRO B 473 17.88 19.36 9.55
C PRO B 473 16.49 19.99 9.69
N VAL B 474 16.32 20.83 10.69
CA VAL B 474 15.02 21.44 10.95
C VAL B 474 15.17 22.95 11.04
N PHE B 475 14.38 23.65 10.23
CA PHE B 475 14.29 25.12 10.31
C PHE B 475 13.18 25.54 11.27
N ILE B 476 13.58 26.05 12.44
CA ILE B 476 12.67 26.66 13.42
C ILE B 476 12.40 28.15 13.16
N VAL B 477 11.14 28.56 13.30
CA VAL B 477 10.77 29.91 12.95
C VAL B 477 9.63 30.32 13.90
N GLU B 478 9.26 31.60 13.96
CA GLU B 478 8.03 32.03 14.65
C GLU B 478 6.87 31.77 13.73
N LYS B 479 6.13 30.69 13.95
CA LYS B 479 5.02 30.48 13.07
C LYS B 479 3.70 30.84 13.73
N GLU B 480 2.76 31.30 12.92
CA GLU B 480 1.44 31.61 13.35
C GLU B 480 0.57 30.40 13.14
N TYR B 481 -0.04 29.91 14.21
CA TYR B 481 -0.98 28.81 14.12
C TYR B 481 -2.41 29.31 14.24
N THR B 482 -3.30 28.89 13.37
CA THR B 482 -4.65 29.39 13.53
C THR B 482 -5.45 28.52 14.52
N MET B 483 -6.00 29.14 15.55
CA MET B 483 -6.72 28.39 16.56
C MET B 483 -8.19 28.24 16.26
N ILE B 484 -8.83 29.28 15.71
CA ILE B 484 -10.26 29.24 15.36
C ILE B 484 -10.59 30.50 14.56
N GLU B 485 -11.60 30.40 13.69
CA GLU B 485 -12.19 31.59 13.06
C GLU B 485 -13.63 31.77 13.53
N VAL B 486 -13.99 32.96 14.00
CA VAL B 486 -15.40 33.22 14.35
C VAL B 486 -15.94 34.38 13.55
N SER B 487 -17.20 34.29 13.15
CA SER B 487 -17.81 35.36 12.34
C SER B 487 -18.07 36.62 13.16
N ALA B 488 -17.78 37.78 12.57
CA ALA B 488 -18.25 39.02 13.15
C ALA B 488 -19.78 39.11 13.04
N SER B 489 -20.42 39.75 14.01
CA SER B 489 -21.85 40.03 13.90
C SER B 489 -21.97 41.45 13.36
N ALA B 490 -23.16 41.80 12.88
CA ALA B 490 -23.45 43.14 12.41
C ALA B 490 -23.57 44.09 13.61
N PRO B 491 -22.82 45.23 13.61
CA PRO B 491 -23.24 46.29 14.54
C PRO B 491 -24.69 46.67 14.24
N HIS B 492 -25.35 47.26 15.23
CA HIS B 492 -26.69 47.75 15.02
C HIS B 492 -26.64 48.94 14.12
N HIS B 493 -27.57 49.01 13.19
CA HIS B 493 -27.62 50.08 12.21
C HIS B 493 -27.64 51.49 12.77
N SER B 494 -27.67 51.64 14.10
CA SER B 494 -27.79 52.96 14.74
C SER B 494 -26.52 53.54 15.37
N SER B 495 -25.41 52.80 15.40
CA SER B 495 -24.15 53.28 16.04
C SER B 495 -23.04 53.87 15.10
CA CA C . 9.78 -20.56 -20.31
CL CL D . 1.08 -27.54 -7.81
CA CA E . -3.95 18.42 24.71
CL CL F . 10.44 20.33 16.36
#